data_6EHO
#
_entry.id   6EHO
#
_cell.length_a   189.010
_cell.length_b   189.010
_cell.length_c   189.010
_cell.angle_alpha   90.00
_cell.angle_beta   90.00
_cell.angle_gamma   90.00
#
_symmetry.space_group_name_H-M   'I 21 3'
#
loop_
_entity.id
_entity.type
_entity.pdbx_description
1 polymer Sortilin
2 branched alpha-D-mannopyranose-(1-3)-[alpha-D-mannopyranose-(1-6)]beta-D-mannopyranose-(1-4)-2-acetamido-2-deoxy-beta-D-glucopyranose-(1-4)-2-acetamido-2-deoxy-beta-D-glucopyranose
3 branched beta-D-mannopyranose-(1-4)-2-acetamido-2-deoxy-beta-D-glucopyranose-(1-4)-2-acetamido-2-deoxy-beta-D-glucopyranose
4 branched 2-acetamido-2-deoxy-beta-D-glucopyranose-(1-4)-2-acetamido-2-deoxy-beta-D-glucopyranose
#
_entity_poly.entity_id   1
_entity_poly.type   'polypeptide(L)'
_entity_poly.pdbx_seq_one_letter_code
;QDRLDAPPPPAAPLPRWSGPIGVSWGLRAAAAGGAFPRGGRWGGSAPGEDEECGRVRDFVAKLANNTHQHVFDDLRGSVS
LSWVGDSTGVILVLTTFHVPLVIMTFGQSKLYRSEDYGKNFKDITDLINNTFIRTEFGMAIGPENSGKVVLTAEVSGGSR
GGRIFRSSDFAKNFVQTDLPFHPLTQMMYSPQNSDYLLALSTENGLWVSKNFGGKWEEIHKAVCLAKWGSDNTIFFTTYA
NGSCKADLGALELWRTSDLGKSFKTIGVKIYSFGLGGRFLFASVMADKDTTRRIHVSTDQGDTWSMAQLPSVGQEQFYSI
LAANDDMVFMHVDEPGDTGFGTIFTSDDRGIVYSKSLDRHLYTTTGGETDFTNVTSLRGVYITSVLSEDNSIQTMITFDQ
GGRWTHLRKPENSECDATAKNKNECSLHIHASYSISQKLNVPMAPLSEPNAVGIVIAHGSVGDAISVMVPDVYISDDGGY
SWTKMLEGPHYYTILDSGGIIVAIEHSSRPINVIKFSTDEGQCWQTYTFTRDPIYFTGLASEPGARSMNISIWGFTESFL
TSQWVSYTIDFKDILERNCEEKDYTIWLAHSTDPEDYEDGCILGYKEQFLRLRKSSMCQNGRDYVVTKQPSICLCSLEDF
LCDFGYYRPENDSKCVEQPELKGHDLEFCLYGREEHLTTNGYRKIPGDKCQGGVNPVREVKDLKKKCTSNFLSPEKQNSK
SNS
;
_entity_poly.pdbx_strand_id   A
#
loop_
_chem_comp.id
_chem_comp.type
_chem_comp.name
_chem_comp.formula
BMA D-saccharide, beta linking beta-D-mannopyranose 'C6 H12 O6'
MAN D-saccharide, alpha linking alpha-D-mannopyranose 'C6 H12 O6'
NAG D-saccharide, beta linking 2-acetamido-2-deoxy-beta-D-glucopyranose 'C8 H15 N O6'
#
# COMPACT_ATOMS: atom_id res chain seq x y z
N GLU A 52 -13.02 -22.73 22.57
CA GLU A 52 -12.25 -21.93 23.51
C GLU A 52 -12.53 -20.43 23.32
N CYS A 53 -12.91 -20.05 22.10
CA CYS A 53 -13.12 -18.63 21.81
C CYS A 53 -14.37 -18.08 22.49
N GLY A 54 -15.34 -18.94 22.80
CA GLY A 54 -16.50 -18.50 23.54
C GLY A 54 -17.31 -17.44 22.82
N ARG A 55 -17.90 -16.55 23.60
CA ARG A 55 -18.79 -15.52 23.06
C ARG A 55 -18.86 -14.37 24.06
N VAL A 56 -19.66 -13.36 23.71
CA VAL A 56 -19.88 -12.20 24.57
C VAL A 56 -21.35 -12.19 24.97
N ARG A 57 -21.77 -11.19 25.75
CA ARG A 57 -23.13 -11.06 26.27
C ARG A 57 -24.22 -11.15 25.20
N ASP A 58 -24.24 -12.22 24.41
CA ASP A 58 -25.19 -12.37 23.30
C ASP A 58 -25.22 -11.14 22.43
N PHE A 59 -24.34 -11.11 21.43
CA PHE A 59 -24.04 -9.91 20.66
C PHE A 59 -25.04 -9.61 19.54
N VAL A 60 -25.90 -10.56 19.17
CA VAL A 60 -26.78 -10.34 18.01
C VAL A 60 -27.69 -9.14 18.25
N ALA A 61 -28.15 -8.95 19.48
CA ALA A 61 -29.04 -7.83 19.77
C ALA A 61 -28.30 -6.50 19.66
N LYS A 62 -27.05 -6.44 20.11
CA LYS A 62 -26.30 -5.20 20.08
C LYS A 62 -25.92 -4.80 18.66
N LEU A 63 -25.71 -5.78 17.78
CA LEU A 63 -25.38 -5.47 16.40
C LEU A 63 -26.62 -5.11 15.59
N ALA A 64 -27.72 -5.83 15.79
CA ALA A 64 -28.95 -5.54 15.05
C ALA A 64 -29.49 -4.16 15.38
N ASN A 65 -29.26 -3.67 16.59
CA ASN A 65 -29.65 -2.31 16.94
C ASN A 65 -28.74 -1.28 16.27
N ASN A 66 -27.49 -1.66 15.99
CA ASN A 66 -26.51 -0.76 15.40
C ASN A 66 -26.34 -0.96 13.90
N THR A 67 -26.99 -1.97 13.32
CA THR A 67 -26.95 -2.20 11.89
C THR A 67 -28.08 -1.40 11.24
N HIS A 68 -27.73 -0.30 10.57
CA HIS A 68 -28.71 0.60 9.97
C HIS A 68 -28.63 0.50 8.46
N GLN A 69 -29.77 0.19 7.84
CA GLN A 69 -29.86 -0.06 6.42
C GLN A 69 -30.54 1.11 5.71
N HIS A 70 -30.02 1.47 4.54
CA HIS A 70 -30.68 2.44 3.68
C HIS A 70 -30.63 1.94 2.24
N VAL A 71 -31.74 2.06 1.53
CA VAL A 71 -31.86 1.58 0.15
C VAL A 71 -31.87 2.78 -0.78
N PHE A 72 -31.00 2.75 -1.79
CA PHE A 72 -30.93 3.79 -2.80
C PHE A 72 -31.75 3.45 -4.04
N ASP A 73 -32.34 2.26 -4.08
CA ASP A 73 -33.14 1.77 -5.22
C ASP A 73 -32.26 1.72 -6.46
N ASP A 74 -32.86 1.91 -7.63
CA ASP A 74 -32.14 1.75 -8.89
C ASP A 74 -31.11 2.88 -9.07
N LEU A 75 -29.84 2.50 -9.20
CA LEU A 75 -28.76 3.44 -9.46
C LEU A 75 -27.97 2.92 -10.66
N ARG A 76 -28.11 3.59 -11.80
CA ARG A 76 -27.40 3.18 -13.00
C ARG A 76 -25.90 3.39 -12.82
N GLY A 77 -25.13 2.39 -13.26
CA GLY A 77 -23.69 2.46 -13.15
C GLY A 77 -23.17 1.84 -11.88
N SER A 78 -21.85 1.98 -11.69
CA SER A 78 -21.18 1.45 -10.52
C SER A 78 -21.26 2.46 -9.39
N VAL A 79 -21.66 1.99 -8.21
CA VAL A 79 -21.93 2.86 -7.06
C VAL A 79 -20.69 2.92 -6.18
N SER A 80 -20.23 4.13 -5.89
CA SER A 80 -19.12 4.36 -4.97
C SER A 80 -19.64 4.86 -3.63
N LEU A 81 -18.83 4.66 -2.59
CA LEU A 81 -19.19 5.09 -1.25
C LEU A 81 -17.91 5.34 -0.47
N SER A 82 -17.91 6.41 0.32
CA SER A 82 -16.72 6.78 1.09
C SER A 82 -17.13 7.66 2.26
N TRP A 83 -16.54 7.39 3.42
CA TRP A 83 -16.70 8.28 4.55
C TRP A 83 -15.91 9.58 4.32
N VAL A 84 -16.26 10.60 5.10
CA VAL A 84 -15.58 11.90 5.01
C VAL A 84 -15.27 12.35 6.44
N GLY A 85 -14.09 12.00 6.94
CA GLY A 85 -13.65 12.38 8.27
C GLY A 85 -14.35 11.61 9.37
N ASP A 86 -13.75 11.65 10.57
CA ASP A 86 -14.33 11.01 11.74
C ASP A 86 -15.00 12.04 12.65
N SER A 87 -15.76 11.54 13.63
CA SER A 87 -16.49 12.41 14.58
C SER A 87 -17.38 13.40 13.84
N THR A 88 -17.88 13.01 12.66
CA THR A 88 -18.78 13.85 11.87
C THR A 88 -19.91 13.09 11.20
N GLY A 89 -19.70 11.84 10.78
CA GLY A 89 -20.77 11.04 10.21
C GLY A 89 -21.25 11.54 8.86
N VAL A 90 -20.34 11.75 7.92
CA VAL A 90 -20.66 12.17 6.57
C VAL A 90 -20.24 11.06 5.61
N ILE A 91 -21.18 10.60 4.79
CA ILE A 91 -20.94 9.55 3.82
C ILE A 91 -21.47 10.00 2.47
N LEU A 92 -20.63 9.92 1.45
CA LEU A 92 -21.02 10.26 0.09
C LEU A 92 -21.24 8.99 -0.73
N VAL A 93 -22.31 8.98 -1.52
CA VAL A 93 -22.64 7.86 -2.39
C VAL A 93 -22.75 8.42 -3.80
N LEU A 94 -21.73 8.16 -4.63
CA LEU A 94 -21.67 8.69 -5.97
C LEU A 94 -21.72 7.54 -6.97
N THR A 95 -22.49 7.74 -8.04
CA THR A 95 -22.56 6.78 -9.14
C THR A 95 -21.66 7.27 -10.27
N THR A 96 -20.73 6.42 -10.69
CA THR A 96 -19.80 6.74 -11.76
C THR A 96 -20.01 5.79 -12.93
N PHE A 97 -19.63 6.26 -14.12
CA PHE A 97 -19.82 5.51 -15.36
C PHE A 97 -18.47 5.22 -15.99
N HIS A 98 -18.27 3.98 -16.41
CA HIS A 98 -17.03 3.56 -17.07
C HIS A 98 -17.16 3.92 -18.55
N VAL A 99 -16.91 5.20 -18.85
CA VAL A 99 -17.03 5.74 -20.19
C VAL A 99 -15.64 6.19 -20.65
N PRO A 100 -15.23 5.91 -21.89
CA PRO A 100 -13.95 6.42 -22.38
C PRO A 100 -13.88 7.93 -22.31
N LEU A 101 -12.71 8.44 -21.99
CA LEU A 101 -12.53 9.86 -21.72
C LEU A 101 -12.66 10.71 -22.99
N VAL A 102 -12.41 10.12 -24.16
CA VAL A 102 -12.43 10.92 -25.39
C VAL A 102 -13.85 11.29 -25.76
N ILE A 103 -14.80 10.39 -25.55
CA ILE A 103 -16.18 10.59 -25.97
C ILE A 103 -16.89 11.53 -25.02
N MET A 104 -17.78 12.36 -25.57
CA MET A 104 -18.70 13.15 -24.77
C MET A 104 -20.11 12.64 -24.97
N THR A 105 -20.87 12.51 -23.88
CA THR A 105 -22.21 11.95 -23.93
C THR A 105 -23.03 12.54 -22.79
N PHE A 106 -24.31 12.21 -22.80
CA PHE A 106 -25.25 12.74 -21.82
C PHE A 106 -25.28 11.87 -20.57
N GLY A 107 -26.05 12.31 -19.57
CA GLY A 107 -26.20 11.55 -18.34
C GLY A 107 -25.93 12.36 -17.09
N GLN A 108 -26.84 12.28 -16.13
CA GLN A 108 -26.69 12.95 -14.83
C GLN A 108 -26.38 11.88 -13.79
N SER A 109 -25.14 11.86 -13.32
CA SER A 109 -24.77 10.92 -12.26
C SER A 109 -25.40 11.33 -10.94
N LYS A 110 -25.94 10.36 -10.23
CA LYS A 110 -26.64 10.61 -8.98
C LYS A 110 -25.65 10.66 -7.81
N LEU A 111 -25.97 11.47 -6.82
CA LEU A 111 -25.12 11.67 -5.66
C LEU A 111 -25.97 11.74 -4.40
N TYR A 112 -25.53 11.05 -3.35
CA TYR A 112 -26.24 11.00 -2.08
C TYR A 112 -25.28 11.33 -0.95
N ARG A 113 -25.84 11.84 0.14
CA ARG A 113 -25.05 12.21 1.32
C ARG A 113 -25.84 11.91 2.58
N SER A 114 -25.19 11.28 3.55
CA SER A 114 -25.78 11.00 4.85
C SER A 114 -24.99 11.76 5.91
N GLU A 115 -25.68 12.57 6.70
CA GLU A 115 -25.08 13.27 7.83
C GLU A 115 -25.42 12.60 9.15
N ASP A 116 -25.97 11.38 9.12
CA ASP A 116 -26.41 10.67 10.31
C ASP A 116 -25.59 9.42 10.54
N TYR A 117 -24.28 9.49 10.25
CA TYR A 117 -23.37 8.35 10.37
C TYR A 117 -23.86 7.14 9.56
N GLY A 118 -24.46 7.42 8.40
CA GLY A 118 -24.97 6.37 7.54
C GLY A 118 -26.31 5.81 7.93
N LYS A 119 -26.97 6.37 8.94
CA LYS A 119 -28.29 5.87 9.33
C LYS A 119 -29.36 6.30 8.35
N ASN A 120 -29.28 7.52 7.83
CA ASN A 120 -30.26 8.05 6.90
C ASN A 120 -29.56 8.93 5.88
N PHE A 121 -29.81 8.65 4.59
CA PHE A 121 -29.19 9.39 3.50
C PHE A 121 -30.14 10.46 2.99
N LYS A 122 -29.67 11.23 2.00
CA LYS A 122 -30.45 12.32 1.43
C LYS A 122 -29.99 12.56 0.00
N ASP A 123 -30.94 12.63 -0.92
CA ASP A 123 -30.63 12.81 -2.33
C ASP A 123 -30.16 14.23 -2.59
N ILE A 124 -28.92 14.37 -3.07
CA ILE A 124 -28.35 15.67 -3.39
C ILE A 124 -27.95 15.75 -4.87
N THR A 125 -28.55 14.92 -5.71
CA THR A 125 -28.29 14.98 -7.14
C THR A 125 -28.64 16.35 -7.72
N ASP A 126 -29.42 17.15 -6.99
CA ASP A 126 -29.75 18.50 -7.43
C ASP A 126 -28.51 19.28 -7.82
N LEU A 127 -27.41 19.09 -7.09
CA LEU A 127 -26.17 19.76 -7.44
C LEU A 127 -25.60 19.20 -8.73
N ILE A 128 -25.50 17.87 -8.84
CA ILE A 128 -24.93 17.23 -10.01
C ILE A 128 -25.96 17.25 -11.13
N ASN A 129 -26.19 18.42 -11.70
CA ASN A 129 -27.19 18.62 -12.74
C ASN A 129 -26.50 18.79 -14.07
N ASN A 130 -26.94 18.01 -15.07
CA ASN A 130 -26.34 17.96 -16.40
C ASN A 130 -24.86 17.61 -16.37
N THR A 131 -24.41 16.90 -15.33
CA THR A 131 -23.01 16.53 -15.18
C THR A 131 -22.93 15.09 -14.69
N PHE A 132 -21.83 14.43 -15.03
CA PHE A 132 -21.61 13.04 -14.61
C PHE A 132 -20.13 12.84 -14.36
N ILE A 133 -19.82 11.92 -13.43
CA ILE A 133 -18.45 11.61 -13.03
C ILE A 133 -18.10 10.24 -13.58
N ARG A 134 -16.91 10.12 -14.18
CA ARG A 134 -16.44 8.84 -14.69
C ARG A 134 -15.93 7.97 -13.54
N THR A 135 -15.76 6.68 -13.83
CA THR A 135 -15.29 5.74 -12.80
C THR A 135 -13.82 5.98 -12.48
N GLU A 136 -12.98 6.18 -13.50
CA GLU A 136 -11.57 6.45 -13.26
C GLU A 136 -11.37 7.72 -12.43
N PHE A 137 -12.25 8.71 -12.61
CA PHE A 137 -12.19 9.93 -11.80
C PHE A 137 -12.60 9.65 -10.37
N GLY A 138 -13.88 9.33 -10.17
CA GLY A 138 -14.39 9.03 -8.84
C GLY A 138 -14.35 10.25 -7.93
N MET A 139 -14.28 9.96 -6.63
CA MET A 139 -14.19 10.99 -5.60
C MET A 139 -12.75 11.12 -5.15
N ALA A 140 -12.20 12.34 -5.22
CA ALA A 140 -10.87 12.64 -4.74
C ALA A 140 -11.01 13.20 -3.32
N ILE A 141 -10.61 12.41 -2.34
CA ILE A 141 -10.79 12.76 -0.93
C ILE A 141 -9.52 13.44 -0.43
N GLY A 142 -9.69 14.50 0.35
CA GLY A 142 -8.59 15.22 0.94
C GLY A 142 -7.85 14.39 1.96
N PRO A 143 -6.58 14.71 2.20
CA PRO A 143 -5.75 13.91 3.12
C PRO A 143 -6.12 14.17 4.57
N GLU A 144 -6.62 13.13 5.24
CA GLU A 144 -6.81 13.09 6.69
C GLU A 144 -7.76 14.21 7.11
N ASN A 145 -7.36 15.13 8.00
CA ASN A 145 -8.25 16.11 8.59
C ASN A 145 -8.45 17.34 7.71
N SER A 146 -8.09 17.28 6.43
CA SER A 146 -8.34 18.41 5.54
C SER A 146 -9.82 18.59 5.28
N GLY A 147 -10.55 17.49 5.11
CA GLY A 147 -11.98 17.56 4.87
C GLY A 147 -12.37 18.27 3.60
N LYS A 148 -11.64 18.05 2.52
CA LYS A 148 -11.87 18.72 1.24
C LYS A 148 -12.00 17.68 0.14
N VAL A 149 -13.19 17.59 -0.45
CA VAL A 149 -13.49 16.61 -1.48
C VAL A 149 -13.83 17.34 -2.77
N VAL A 150 -13.31 16.84 -3.89
CA VAL A 150 -13.61 17.37 -5.22
C VAL A 150 -14.18 16.25 -6.07
N LEU A 151 -15.17 16.59 -6.89
CA LEU A 151 -15.83 15.66 -7.79
C LEU A 151 -15.59 16.14 -9.21
N THR A 152 -14.64 15.52 -9.90
CA THR A 152 -14.33 15.88 -11.28
C THR A 152 -15.40 15.31 -12.19
N ALA A 153 -16.32 16.16 -12.63
CA ALA A 153 -17.44 15.76 -13.47
C ALA A 153 -17.28 16.33 -14.88
N GLU A 154 -18.20 15.95 -15.76
CA GLU A 154 -18.22 16.42 -17.14
C GLU A 154 -19.65 16.71 -17.55
N VAL A 155 -19.83 17.81 -18.28
CA VAL A 155 -21.17 18.18 -18.74
C VAL A 155 -21.62 17.23 -19.85
N SER A 156 -22.95 17.12 -20.00
CA SER A 156 -23.51 16.25 -21.03
C SER A 156 -23.06 16.68 -22.42
N GLY A 157 -23.03 17.98 -22.69
CA GLY A 157 -22.59 18.48 -23.97
C GLY A 157 -21.54 19.56 -23.86
N GLY A 158 -21.04 19.79 -22.65
CA GLY A 158 -20.01 20.79 -22.45
C GLY A 158 -18.72 20.44 -23.14
N SER A 159 -18.04 21.47 -23.63
CA SER A 159 -16.83 21.27 -24.44
C SER A 159 -15.67 22.10 -23.92
N ARG A 160 -15.96 23.23 -23.27
CA ARG A 160 -14.90 24.11 -22.80
C ARG A 160 -14.07 23.44 -21.71
N GLY A 161 -14.73 22.79 -20.75
CA GLY A 161 -14.01 22.13 -19.68
C GLY A 161 -14.99 21.46 -18.73
N GLY A 162 -14.43 20.72 -17.79
CA GLY A 162 -15.24 20.01 -16.83
C GLY A 162 -15.78 20.92 -15.73
N ARG A 163 -16.86 20.46 -15.10
CA ARG A 163 -17.49 21.16 -13.98
C ARG A 163 -17.17 20.36 -12.72
N ILE A 164 -16.07 20.71 -12.07
CA ILE A 164 -15.66 20.07 -10.83
C ILE A 164 -16.34 20.75 -9.66
N PHE A 165 -16.78 19.96 -8.69
CA PHE A 165 -17.48 20.46 -7.52
C PHE A 165 -16.58 20.35 -6.30
N ARG A 166 -16.39 21.47 -5.60
CA ARG A 166 -15.43 21.57 -4.51
C ARG A 166 -16.15 21.79 -3.19
N SER A 167 -15.64 21.15 -2.13
CA SER A 167 -16.12 21.39 -0.78
C SER A 167 -14.92 21.42 0.16
N SER A 168 -15.08 22.14 1.26
CA SER A 168 -14.01 22.27 2.26
C SER A 168 -14.44 21.95 3.67
N ASP A 169 -15.73 21.84 3.95
CA ASP A 169 -16.22 21.53 5.29
C ASP A 169 -16.68 20.09 5.39
N PHE A 170 -15.83 19.17 4.94
CA PHE A 170 -16.11 17.73 4.98
C PHE A 170 -17.36 17.38 4.19
N ALA A 171 -17.48 17.99 2.99
CA ALA A 171 -18.53 17.68 2.03
C ALA A 171 -19.94 17.95 2.57
N LYS A 172 -20.06 18.94 3.46
CA LYS A 172 -21.37 19.31 3.96
C LYS A 172 -22.10 20.28 3.02
N ASN A 173 -21.35 21.08 2.28
CA ASN A 173 -21.91 21.89 1.20
C ASN A 173 -20.81 22.20 0.20
N PHE A 174 -21.17 22.23 -1.08
CA PHE A 174 -20.21 22.33 -2.16
C PHE A 174 -20.33 23.67 -2.87
N VAL A 175 -19.31 23.99 -3.65
CA VAL A 175 -19.28 25.16 -4.52
C VAL A 175 -18.86 24.70 -5.91
N GLN A 176 -19.64 25.06 -6.92
CA GLN A 176 -19.38 24.62 -8.29
C GLN A 176 -18.38 25.57 -8.96
N THR A 177 -17.72 25.05 -10.00
CA THR A 177 -16.79 25.82 -10.80
C THR A 177 -16.55 25.08 -12.10
N ASP A 178 -16.19 25.84 -13.14
CA ASP A 178 -15.97 25.30 -14.47
C ASP A 178 -14.49 25.34 -14.80
N LEU A 179 -13.92 24.17 -15.10
CA LEU A 179 -12.52 24.10 -15.46
C LEU A 179 -12.29 24.71 -16.85
N PRO A 180 -11.17 25.39 -17.06
CA PRO A 180 -10.84 25.89 -18.40
C PRO A 180 -10.29 24.82 -19.34
N PHE A 181 -10.43 23.55 -18.99
CA PHE A 181 -9.85 22.46 -19.77
C PHE A 181 -10.57 21.18 -19.41
N HIS A 182 -10.42 20.18 -20.29
CA HIS A 182 -10.91 18.83 -20.01
C HIS A 182 -9.83 18.07 -19.28
N PRO A 183 -10.03 17.69 -18.01
CA PRO A 183 -8.96 17.04 -17.24
C PRO A 183 -8.70 15.62 -17.72
N LEU A 184 -7.43 15.30 -17.90
CA LEU A 184 -7.06 13.94 -18.29
C LEU A 184 -6.92 13.03 -17.07
N THR A 185 -6.47 13.58 -15.95
CA THR A 185 -6.29 12.82 -14.72
C THR A 185 -7.03 13.49 -13.58
N GLN A 186 -7.25 12.73 -12.52
CA GLN A 186 -7.88 13.28 -11.32
C GLN A 186 -6.92 14.24 -10.63
N MET A 187 -7.50 15.18 -9.89
CA MET A 187 -6.69 16.18 -9.17
C MET A 187 -5.75 15.50 -8.19
N MET A 188 -4.52 15.99 -8.14
CA MET A 188 -3.52 15.52 -7.18
C MET A 188 -3.30 16.59 -6.11
N TYR A 189 -3.12 16.14 -4.88
CA TYR A 189 -2.96 17.06 -3.76
C TYR A 189 -1.50 17.35 -3.50
N SER A 190 -1.24 18.52 -2.92
CA SER A 190 0.12 18.85 -2.54
C SER A 190 0.37 18.47 -1.07
N PRO A 191 1.57 18.00 -0.73
CA PRO A 191 1.82 17.58 0.64
C PRO A 191 1.87 18.73 1.64
N GLN A 192 2.56 19.83 1.29
CA GLN A 192 2.73 20.93 2.23
C GLN A 192 1.41 21.66 2.49
N ASN A 193 0.51 21.67 1.52
CA ASN A 193 -0.79 22.33 1.69
C ASN A 193 -1.81 21.65 0.80
N SER A 194 -2.99 21.38 1.35
CA SER A 194 -4.06 20.71 0.62
C SER A 194 -4.79 21.63 -0.35
N ASP A 195 -4.45 22.92 -0.38
CA ASP A 195 -5.11 23.88 -1.26
C ASP A 195 -4.36 24.08 -2.57
N TYR A 196 -3.32 23.30 -2.82
CA TYR A 196 -2.57 23.35 -4.08
C TYR A 196 -2.88 22.08 -4.86
N LEU A 197 -3.53 22.25 -6.01
CA LEU A 197 -4.03 21.13 -6.80
C LEU A 197 -3.24 21.01 -8.10
N LEU A 198 -2.95 19.78 -8.49
CA LEU A 198 -2.27 19.47 -9.73
C LEU A 198 -3.23 18.76 -10.67
N ALA A 199 -3.16 19.11 -11.96
CA ALA A 199 -4.04 18.53 -12.96
C ALA A 199 -3.29 18.36 -14.27
N LEU A 200 -3.83 17.51 -15.13
CA LEU A 200 -3.27 17.25 -16.45
C LEU A 200 -4.40 17.35 -17.47
N SER A 201 -4.23 18.22 -18.46
CA SER A 201 -5.26 18.43 -19.46
C SER A 201 -5.22 17.33 -20.52
N THR A 202 -6.29 17.26 -21.32
CA THR A 202 -6.34 16.30 -22.40
C THR A 202 -5.29 16.62 -23.47
N GLU A 203 -4.94 17.89 -23.64
CA GLU A 203 -3.88 18.31 -24.54
C GLU A 203 -2.51 18.37 -23.87
N ASN A 204 -2.29 17.51 -22.87
CA ASN A 204 -1.01 17.46 -22.13
C ASN A 204 -0.67 18.80 -21.50
N GLY A 205 -1.69 19.47 -20.95
CA GLY A 205 -1.52 20.75 -20.30
C GLY A 205 -1.53 20.60 -18.79
N LEU A 206 -0.53 21.20 -18.15
CA LEU A 206 -0.36 21.13 -16.70
C LEU A 206 -0.96 22.39 -16.08
N TRP A 207 -1.96 22.23 -15.22
CA TRP A 207 -2.61 23.33 -14.54
C TRP A 207 -2.45 23.16 -13.03
N VAL A 208 -2.37 24.30 -12.33
CA VAL A 208 -2.25 24.32 -10.89
C VAL A 208 -3.25 25.31 -10.32
N SER A 209 -3.76 24.99 -9.12
CA SER A 209 -4.73 25.83 -8.43
C SER A 209 -4.14 26.25 -7.09
N LYS A 210 -4.00 27.56 -6.89
CA LYS A 210 -3.45 28.05 -5.63
C LYS A 210 -4.50 28.17 -4.54
N ASN A 211 -5.76 28.38 -4.92
CA ASN A 211 -6.83 28.67 -3.97
C ASN A 211 -7.96 27.65 -4.08
N PHE A 212 -7.61 26.37 -4.26
CA PHE A 212 -8.56 25.27 -4.25
C PHE A 212 -9.64 25.45 -5.33
N GLY A 213 -9.20 25.29 -6.58
CA GLY A 213 -10.08 25.39 -7.72
C GLY A 213 -10.50 26.79 -8.11
N GLY A 214 -10.15 27.81 -7.32
CA GLY A 214 -10.52 29.17 -7.63
C GLY A 214 -9.89 29.67 -8.92
N LYS A 215 -8.58 29.86 -8.92
CA LYS A 215 -7.84 30.23 -10.12
C LYS A 215 -7.10 29.01 -10.66
N TRP A 216 -7.13 28.85 -11.98
CA TRP A 216 -6.46 27.74 -12.66
C TRP A 216 -5.47 28.33 -13.67
N GLU A 217 -4.20 28.37 -13.29
CA GLU A 217 -3.14 28.84 -14.18
C GLU A 217 -2.44 27.63 -14.81
N GLU A 218 -2.04 27.79 -16.06
CA GLU A 218 -1.33 26.73 -16.77
C GLU A 218 0.17 26.89 -16.58
N ILE A 219 0.87 25.77 -16.41
CA ILE A 219 2.31 25.75 -16.17
C ILE A 219 3.09 25.43 -17.44
N HIS A 220 2.68 24.39 -18.16
CA HIS A 220 3.38 24.00 -19.38
C HIS A 220 2.41 23.26 -20.28
N LYS A 221 2.66 23.33 -21.59
CA LYS A 221 1.76 22.77 -22.59
C LYS A 221 2.22 21.42 -23.12
N ALA A 222 3.46 21.02 -22.86
CA ALA A 222 3.96 19.75 -23.37
C ALA A 222 4.38 18.83 -22.23
N VAL A 223 3.45 18.51 -21.34
CA VAL A 223 3.74 17.72 -20.14
C VAL A 223 3.23 16.30 -20.36
N CYS A 224 4.12 15.33 -20.15
CA CYS A 224 3.70 13.92 -20.14
C CYS A 224 3.04 13.58 -18.81
N LEU A 225 3.86 13.25 -17.81
CA LEU A 225 3.37 12.95 -16.47
C LEU A 225 3.96 13.95 -15.48
N ALA A 226 3.30 14.08 -14.33
CA ALA A 226 3.71 15.04 -13.33
C ALA A 226 3.34 14.52 -11.95
N LYS A 227 4.19 14.82 -10.96
CA LYS A 227 3.95 14.45 -9.58
C LYS A 227 4.38 15.60 -8.69
N TRP A 228 4.13 15.45 -7.39
CA TRP A 228 4.51 16.45 -6.41
C TRP A 228 5.84 16.08 -5.76
N GLY A 229 6.31 16.95 -4.87
CA GLY A 229 7.56 16.71 -4.16
C GLY A 229 7.58 17.35 -2.79
N SER A 230 8.76 17.40 -2.17
CA SER A 230 8.89 17.96 -0.83
C SER A 230 8.59 19.46 -0.87
N ASP A 231 7.55 19.87 -0.14
CA ASP A 231 7.18 21.27 0.01
C ASP A 231 6.82 21.90 -1.33
N ASN A 232 5.70 21.43 -1.88
CA ASN A 232 5.06 22.03 -3.05
C ASN A 232 5.97 22.07 -4.27
N THR A 233 6.93 21.16 -4.34
CA THR A 233 7.80 21.05 -5.51
C THR A 233 7.13 20.14 -6.54
N ILE A 234 7.12 20.59 -7.79
CA ILE A 234 6.41 19.90 -8.87
C ILE A 234 7.45 19.42 -9.89
N PHE A 235 7.51 18.10 -10.10
CA PHE A 235 8.36 17.50 -11.10
C PHE A 235 7.50 17.00 -12.27
N PHE A 236 7.98 17.23 -13.49
CA PHE A 236 7.23 16.79 -14.66
C PHE A 236 8.18 16.65 -15.84
N THR A 237 7.88 15.68 -16.69
CA THR A 237 8.62 15.49 -17.94
C THR A 237 7.98 16.29 -19.06
N THR A 238 8.77 16.52 -20.11
CA THR A 238 8.33 17.36 -21.22
C THR A 238 8.84 16.78 -22.53
N TYR A 239 7.96 16.74 -23.52
CA TYR A 239 8.31 16.32 -24.87
C TYR A 239 8.42 17.54 -25.79
N ALA A 240 8.90 17.30 -27.02
CA ALA A 240 9.11 18.41 -27.93
C ALA A 240 8.92 18.02 -29.41
N ASN A 241 8.28 16.89 -29.69
CA ASN A 241 8.06 16.48 -31.08
C ASN A 241 6.74 15.71 -31.14
N GLY A 242 5.67 16.41 -31.51
CA GLY A 242 4.38 15.77 -31.71
C GLY A 242 3.77 15.17 -30.47
N SER A 243 3.94 13.86 -30.30
CA SER A 243 3.30 13.12 -29.23
C SER A 243 4.20 13.00 -28.01
N CYS A 244 3.58 12.87 -26.84
CA CYS A 244 4.33 12.60 -25.63
C CYS A 244 4.96 11.21 -25.68
N LYS A 245 4.16 10.19 -26.01
CA LYS A 245 4.66 8.83 -26.03
C LYS A 245 5.60 8.58 -27.21
N ALA A 246 5.62 9.45 -28.21
CA ALA A 246 6.52 9.26 -29.34
C ALA A 246 7.97 9.45 -28.94
N ASP A 247 8.24 10.35 -27.99
CA ASP A 247 9.59 10.60 -27.50
C ASP A 247 9.84 9.86 -26.19
N LEU A 248 9.48 8.58 -26.14
CA LEU A 248 9.58 7.82 -24.90
C LEU A 248 11.02 7.62 -24.47
N GLY A 249 11.94 7.48 -25.43
CA GLY A 249 13.32 7.21 -25.08
C GLY A 249 14.09 8.40 -24.58
N ALA A 250 13.57 9.62 -24.78
CA ALA A 250 14.29 10.82 -24.37
C ALA A 250 13.27 11.93 -24.11
N LEU A 251 13.07 12.25 -22.85
CA LEU A 251 12.25 13.39 -22.42
C LEU A 251 13.14 14.34 -21.62
N GLU A 252 12.53 15.40 -21.10
CA GLU A 252 13.23 16.35 -20.23
C GLU A 252 12.40 16.57 -18.98
N LEU A 253 12.98 16.24 -17.82
CA LEU A 253 12.31 16.38 -16.53
C LEU A 253 12.59 17.76 -15.96
N TRP A 254 11.54 18.54 -15.74
CA TRP A 254 11.64 19.87 -15.17
C TRP A 254 11.21 19.84 -13.70
N ARG A 255 11.51 20.94 -13.01
CA ARG A 255 11.12 21.08 -11.61
C ARG A 255 10.89 22.56 -11.31
N THR A 256 9.80 22.83 -10.58
CA THR A 256 9.45 24.19 -10.18
C THR A 256 9.22 24.23 -8.69
N SER A 257 9.94 25.12 -8.01
CA SER A 257 9.81 25.25 -6.57
C SER A 257 8.77 26.28 -6.15
N ASP A 258 8.36 27.16 -7.08
CA ASP A 258 7.46 28.27 -6.77
C ASP A 258 6.15 28.16 -7.55
N LEU A 259 5.74 26.94 -7.86
CA LEU A 259 4.45 26.68 -8.52
C LEU A 259 4.36 27.35 -9.89
N GLY A 260 5.36 27.09 -10.74
CA GLY A 260 5.32 27.45 -12.13
C GLY A 260 6.11 28.68 -12.52
N LYS A 261 6.48 29.53 -11.56
CA LYS A 261 7.15 30.77 -11.93
C LYS A 261 8.61 30.55 -12.30
N SER A 262 9.29 29.61 -11.64
CA SER A 262 10.69 29.33 -11.91
C SER A 262 10.83 27.87 -12.32
N PHE A 263 11.37 27.65 -13.52
CA PHE A 263 11.62 26.32 -14.04
C PHE A 263 13.12 26.03 -14.06
N LYS A 264 13.45 24.74 -14.04
CA LYS A 264 14.85 24.32 -14.10
C LYS A 264 14.89 22.91 -14.68
N THR A 265 15.47 22.79 -15.88
CA THR A 265 15.65 21.48 -16.50
C THR A 265 16.62 20.66 -15.67
N ILE A 266 16.18 19.47 -15.25
CA ILE A 266 16.96 18.65 -14.34
C ILE A 266 17.43 17.35 -14.96
N GLY A 267 16.88 16.94 -16.10
CA GLY A 267 17.27 15.68 -16.70
C GLY A 267 16.81 15.50 -18.13
N VAL A 268 17.70 15.05 -19.02
CA VAL A 268 17.37 14.77 -20.40
C VAL A 268 17.72 13.33 -20.71
N LYS A 269 17.18 12.84 -21.83
CA LYS A 269 17.35 11.46 -22.28
C LYS A 269 16.93 10.49 -21.16
N ILE A 270 15.61 10.43 -20.96
CA ILE A 270 15.03 9.70 -19.84
C ILE A 270 13.86 8.87 -20.32
N TYR A 271 13.72 7.67 -19.73
CA TYR A 271 12.54 6.85 -19.94
C TYR A 271 11.36 7.38 -19.14
N SER A 272 11.51 7.44 -17.82
CA SER A 272 10.48 7.96 -16.93
C SER A 272 11.19 8.48 -15.68
N PHE A 273 10.42 8.67 -14.60
CA PHE A 273 11.01 9.11 -13.34
C PHE A 273 10.10 8.70 -12.20
N GLY A 274 10.68 8.68 -10.99
CA GLY A 274 9.92 8.33 -9.80
C GLY A 274 10.35 9.15 -8.62
N LEU A 275 9.66 8.94 -7.50
CA LEU A 275 9.92 9.70 -6.28
C LEU A 275 9.46 8.86 -5.09
N GLY A 276 10.42 8.39 -4.30
CA GLY A 276 10.13 7.60 -3.12
C GLY A 276 10.95 8.00 -1.92
N GLY A 277 10.33 8.07 -0.75
CA GLY A 277 11.03 8.53 0.43
C GLY A 277 11.50 9.95 0.23
N ARG A 278 12.80 10.18 0.47
CA ARG A 278 13.45 11.44 0.15
C ARG A 278 14.21 11.37 -1.17
N PHE A 279 14.03 10.30 -1.92
CA PHE A 279 14.82 10.04 -3.12
C PHE A 279 14.12 10.57 -4.37
N LEU A 280 14.85 10.55 -5.48
CA LEU A 280 14.33 10.96 -6.78
C LEU A 280 15.07 10.14 -7.84
N PHE A 281 14.30 9.46 -8.69
CA PHE A 281 14.87 8.53 -9.64
C PHE A 281 14.60 8.99 -11.06
N ALA A 282 15.42 8.48 -11.98
CA ALA A 282 15.29 8.77 -13.41
C ALA A 282 15.91 7.62 -14.19
N SER A 283 15.13 7.05 -15.12
CA SER A 283 15.57 5.92 -15.93
C SER A 283 16.07 6.42 -17.27
N VAL A 284 17.28 6.01 -17.63
CA VAL A 284 17.87 6.42 -18.90
C VAL A 284 17.75 5.30 -19.93
N ARG A 292 19.09 -0.71 -20.34
CA ARG A 292 18.55 0.44 -19.63
C ARG A 292 19.53 0.94 -18.57
N ARG A 293 19.20 2.10 -17.98
CA ARG A 293 20.02 2.69 -16.92
C ARG A 293 19.11 3.38 -15.93
N ILE A 294 19.62 3.58 -14.72
CA ILE A 294 18.85 4.19 -13.63
C ILE A 294 19.78 5.13 -12.87
N HIS A 295 19.21 6.24 -12.41
CA HIS A 295 19.94 7.24 -11.63
C HIS A 295 19.16 7.56 -10.37
N VAL A 296 19.88 7.71 -9.26
CA VAL A 296 19.30 8.05 -7.97
C VAL A 296 19.76 9.46 -7.59
N SER A 297 18.83 10.27 -7.09
CA SER A 297 19.11 11.64 -6.72
C SER A 297 18.62 11.92 -5.30
N THR A 298 19.42 12.69 -4.56
CA THR A 298 19.03 13.19 -3.25
C THR A 298 18.89 14.70 -3.21
N ASP A 299 19.73 15.42 -3.97
CA ASP A 299 19.69 16.87 -4.03
C ASP A 299 18.56 17.40 -4.91
N GLN A 300 17.38 16.78 -4.85
CA GLN A 300 16.20 17.19 -5.61
C GLN A 300 16.45 17.18 -7.11
N GLY A 301 17.44 16.42 -7.58
CA GLY A 301 17.77 16.32 -8.98
C GLY A 301 19.07 16.97 -9.37
N ASP A 302 19.72 17.70 -8.47
CA ASP A 302 20.96 18.40 -8.84
C ASP A 302 22.12 17.43 -9.05
N THR A 303 22.08 16.27 -8.40
CA THR A 303 23.12 15.26 -8.56
C THR A 303 22.45 13.92 -8.89
N TRP A 304 22.85 13.33 -10.00
CA TRP A 304 22.24 12.07 -10.44
C TRP A 304 23.26 10.96 -10.50
N SER A 305 23.94 10.68 -9.39
CA SER A 305 24.94 9.63 -9.35
C SER A 305 24.31 8.28 -9.68
N MET A 306 24.81 7.64 -10.73
CA MET A 306 24.27 6.37 -11.18
C MET A 306 24.47 5.30 -10.12
N ALA A 307 23.54 4.34 -10.07
CA ALA A 307 23.63 3.23 -9.14
C ALA A 307 24.59 2.16 -9.67
N GLN A 308 25.44 1.67 -8.78
CA GLN A 308 26.41 0.63 -9.11
C GLN A 308 26.02 -0.68 -8.43
N LEU A 309 26.07 -1.77 -9.19
CA LEU A 309 25.70 -3.10 -8.73
C LEU A 309 26.80 -4.08 -9.07
N PRO A 310 26.93 -5.16 -8.29
CA PRO A 310 28.00 -6.15 -8.56
C PRO A 310 27.90 -6.80 -9.93
N SER A 311 26.77 -7.45 -10.22
CA SER A 311 26.62 -8.20 -11.47
C SER A 311 26.25 -7.28 -12.63
N VAL A 312 25.07 -7.51 -13.21
CA VAL A 312 24.58 -6.79 -14.38
C VAL A 312 25.61 -6.91 -15.50
N GLY A 313 25.63 -8.07 -16.17
CA GLY A 313 26.62 -8.30 -17.20
C GLY A 313 26.34 -7.49 -18.46
N GLN A 314 25.10 -7.51 -18.92
CA GLN A 314 24.72 -6.75 -20.11
C GLN A 314 23.98 -5.48 -19.70
N GLU A 315 22.68 -5.41 -20.00
CA GLU A 315 21.83 -4.28 -19.62
C GLU A 315 20.60 -4.84 -18.89
N GLN A 316 20.83 -5.36 -17.69
CA GLN A 316 19.72 -5.88 -16.89
C GLN A 316 18.74 -4.77 -16.55
N PHE A 317 17.45 -5.09 -16.61
CA PHE A 317 16.42 -4.10 -16.34
C PHE A 317 16.19 -3.94 -14.85
N TYR A 318 15.96 -2.71 -14.41
CA TYR A 318 15.88 -2.36 -13.01
C TYR A 318 14.45 -2.01 -12.64
N SER A 319 14.15 -2.12 -11.34
CA SER A 319 12.82 -1.82 -10.83
C SER A 319 12.94 -1.46 -9.35
N ILE A 320 12.51 -0.25 -9.00
CA ILE A 320 12.55 0.22 -7.62
C ILE A 320 11.36 -0.39 -6.89
N LEU A 321 11.63 -1.26 -5.91
CA LEU A 321 10.57 -1.90 -5.14
C LEU A 321 9.91 -0.91 -4.21
N ALA A 322 10.67 -0.42 -3.22
CA ALA A 322 10.17 0.55 -2.27
C ALA A 322 11.33 1.37 -1.73
N ALA A 323 11.05 2.64 -1.44
CA ALA A 323 12.07 3.59 -1.02
C ALA A 323 11.73 4.10 0.37
N ASN A 324 12.49 3.65 1.36
CA ASN A 324 12.39 4.20 2.71
C ASN A 324 13.05 5.57 2.76
N ASP A 325 12.88 6.25 3.90
CA ASP A 325 13.61 7.50 4.10
C ASP A 325 15.09 7.25 4.36
N ASP A 326 15.47 6.02 4.70
CA ASP A 326 16.86 5.66 4.93
C ASP A 326 17.50 5.05 3.69
N MET A 327 16.91 3.95 3.18
CA MET A 327 17.44 3.28 2.00
C MET A 327 16.36 3.10 0.95
N VAL A 328 16.64 2.28 -0.07
CA VAL A 328 15.69 2.03 -1.15
C VAL A 328 15.97 0.65 -1.73
N PHE A 329 14.90 -0.15 -1.91
CA PHE A 329 15.01 -1.46 -2.50
C PHE A 329 14.91 -1.35 -4.02
N MET A 330 15.68 -2.17 -4.71
CA MET A 330 15.68 -2.21 -6.17
C MET A 330 15.66 -3.66 -6.64
N HIS A 331 14.88 -3.92 -7.69
CA HIS A 331 14.75 -5.24 -8.29
C HIS A 331 15.44 -5.23 -9.65
N VAL A 332 16.44 -6.08 -9.82
CA VAL A 332 17.18 -6.19 -11.07
C VAL A 332 16.97 -7.58 -11.65
N ASP A 333 16.59 -7.62 -12.93
CA ASP A 333 16.25 -8.87 -13.58
C ASP A 333 17.50 -9.68 -13.94
N GLU A 334 17.28 -10.92 -14.35
CA GLU A 334 18.29 -11.88 -14.77
C GLU A 334 18.31 -11.98 -16.30
N PRO A 335 19.42 -12.45 -16.88
CA PRO A 335 19.46 -12.63 -18.33
C PRO A 335 18.48 -13.72 -18.76
N GLY A 336 17.89 -13.53 -19.95
CA GLY A 336 16.92 -14.47 -20.46
C GLY A 336 15.55 -14.40 -19.81
N ASP A 337 15.24 -13.30 -19.12
CA ASP A 337 13.98 -13.14 -18.41
C ASP A 337 13.73 -14.28 -17.44
N THR A 338 12.85 -15.21 -17.83
CA THR A 338 12.47 -16.39 -17.05
C THR A 338 11.69 -16.03 -15.79
N GLY A 339 11.60 -14.74 -15.47
CA GLY A 339 10.67 -14.29 -14.45
C GLY A 339 11.22 -14.22 -13.04
N PHE A 340 12.52 -14.39 -12.84
CA PHE A 340 13.12 -14.19 -11.52
C PHE A 340 14.25 -13.16 -11.61
N GLY A 341 14.56 -12.57 -10.45
CA GLY A 341 15.62 -11.60 -10.36
C GLY A 341 16.24 -11.56 -8.98
N THR A 342 16.95 -10.47 -8.66
CA THR A 342 17.56 -10.31 -7.35
C THR A 342 17.20 -8.95 -6.78
N ILE A 343 17.07 -8.90 -5.45
CA ILE A 343 16.78 -7.67 -4.74
C ILE A 343 18.09 -7.05 -4.27
N PHE A 344 18.26 -5.76 -4.53
CA PHE A 344 19.44 -5.02 -4.13
C PHE A 344 19.06 -4.00 -3.07
N THR A 345 19.81 -3.98 -1.97
CA THR A 345 19.60 -3.04 -0.88
C THR A 345 20.65 -1.94 -0.96
N SER A 346 20.21 -0.69 -0.89
CA SER A 346 21.10 0.45 -1.04
C SER A 346 21.74 0.84 0.28
N ASP A 347 22.03 2.13 0.46
CA ASP A 347 22.66 2.63 1.66
C ASP A 347 21.86 3.85 2.13
N ASP A 348 22.48 4.68 2.97
CA ASP A 348 21.84 5.90 3.43
C ASP A 348 21.67 6.93 2.31
N ARG A 349 22.36 6.77 1.18
CA ARG A 349 22.24 7.68 0.06
C ARG A 349 21.58 7.05 -1.17
N GLY A 350 21.46 5.72 -1.20
CA GLY A 350 20.83 5.07 -2.33
C GLY A 350 21.66 5.00 -3.59
N ILE A 351 22.98 4.88 -3.45
CA ILE A 351 23.89 4.87 -4.59
C ILE A 351 24.55 3.51 -4.77
N VAL A 352 25.17 2.97 -3.72
CA VAL A 352 25.82 1.68 -3.75
C VAL A 352 24.86 0.63 -3.22
N TYR A 353 24.73 -0.48 -3.94
CA TYR A 353 23.75 -1.51 -3.64
C TYR A 353 24.44 -2.83 -3.34
N SER A 354 23.81 -3.62 -2.46
CA SER A 354 24.29 -4.94 -2.08
C SER A 354 23.20 -5.97 -2.37
N LYS A 355 23.65 -7.19 -2.71
CA LYS A 355 22.71 -8.27 -2.96
C LYS A 355 21.97 -8.65 -1.68
N SER A 356 20.72 -9.06 -1.84
CA SER A 356 19.87 -9.32 -0.69
C SER A 356 19.10 -10.63 -0.80
N LEU A 357 18.64 -10.97 -2.01
CA LEU A 357 17.78 -12.13 -2.18
C LEU A 357 17.81 -12.58 -3.64
N ASP A 358 17.77 -13.89 -3.84
CA ASP A 358 17.74 -14.49 -5.17
C ASP A 358 16.36 -15.06 -5.46
N ARG A 359 16.17 -15.47 -6.72
CA ARG A 359 14.96 -16.14 -7.20
C ARG A 359 13.71 -15.29 -7.02
N HIS A 360 13.87 -13.97 -6.89
CA HIS A 360 12.75 -13.07 -6.62
C HIS A 360 11.77 -13.08 -7.79
N LEU A 361 10.58 -13.63 -7.58
CA LEU A 361 9.60 -13.74 -8.65
C LEU A 361 8.97 -12.38 -8.96
N TYR A 362 8.79 -12.11 -10.25
CA TYR A 362 8.10 -10.91 -10.70
C TYR A 362 7.26 -11.26 -11.92
N THR A 363 6.25 -10.42 -12.17
CA THR A 363 5.39 -10.62 -13.34
C THR A 363 6.14 -10.21 -14.59
N THR A 364 6.27 -11.15 -15.54
CA THR A 364 7.01 -10.88 -16.76
C THR A 364 6.34 -9.80 -17.61
N THR A 365 5.02 -9.65 -17.50
CA THR A 365 4.26 -8.67 -18.27
C THR A 365 3.69 -7.64 -17.30
N GLY A 366 4.52 -6.68 -16.94
CA GLY A 366 4.11 -5.63 -16.01
C GLY A 366 5.18 -5.30 -15.00
N GLY A 367 5.76 -6.32 -14.36
CA GLY A 367 6.80 -6.12 -13.39
C GLY A 367 6.37 -6.19 -11.93
N GLU A 368 5.11 -6.56 -11.66
CA GLU A 368 4.64 -6.64 -10.29
C GLU A 368 5.30 -7.79 -9.54
N THR A 369 5.42 -7.64 -8.23
CA THR A 369 6.08 -8.63 -7.40
C THR A 369 5.44 -8.66 -6.03
N ASP A 370 5.56 -9.82 -5.36
CA ASP A 370 4.98 -10.04 -4.05
C ASP A 370 5.67 -9.26 -2.94
N PHE A 371 6.53 -8.29 -3.24
CA PHE A 371 7.20 -7.53 -2.19
C PHE A 371 6.18 -6.73 -1.39
N THR A 372 6.20 -6.91 -0.08
CA THR A 372 5.21 -6.30 0.81
C THR A 372 5.89 -5.70 2.03
N ASN A 373 5.50 -4.47 2.37
CA ASN A 373 6.04 -3.75 3.52
C ASN A 373 5.11 -4.00 4.71
N VAL A 374 5.52 -4.90 5.61
CA VAL A 374 4.77 -5.17 6.82
C VAL A 374 4.76 -3.90 7.66
N THR A 375 3.70 -3.10 7.53
CA THR A 375 3.63 -1.81 8.20
C THR A 375 3.50 -1.95 9.71
N SER A 376 3.02 -3.11 10.18
CA SER A 376 2.78 -3.28 11.62
C SER A 376 4.09 -3.24 12.40
N LEU A 377 5.08 -4.03 11.98
CA LEU A 377 6.38 -4.07 12.62
C LEU A 377 7.41 -3.34 11.76
N ARG A 378 8.19 -2.47 12.40
CA ARG A 378 9.18 -1.67 11.68
C ARG A 378 10.38 -2.55 11.33
N GLY A 379 10.70 -2.62 10.04
CA GLY A 379 11.83 -3.39 9.58
C GLY A 379 11.51 -4.77 9.04
N VAL A 380 10.24 -5.08 8.80
CA VAL A 380 9.82 -6.40 8.34
C VAL A 380 9.24 -6.25 6.94
N TYR A 381 9.69 -7.12 6.03
CA TYR A 381 9.22 -7.12 4.65
C TYR A 381 9.03 -8.57 4.20
N ILE A 382 8.12 -8.77 3.26
CA ILE A 382 7.76 -10.11 2.79
C ILE A 382 7.69 -10.11 1.27
N THR A 383 8.24 -11.16 0.65
CA THR A 383 8.15 -11.34 -0.78
C THR A 383 8.28 -12.83 -1.09
N SER A 384 7.91 -13.20 -2.31
CA SER A 384 7.91 -14.59 -2.75
C SER A 384 9.05 -14.83 -3.74
N VAL A 385 9.67 -16.01 -3.64
CA VAL A 385 10.79 -16.39 -4.50
C VAL A 385 10.62 -17.83 -4.95
N LEU A 386 11.48 -18.24 -5.88
CA LEU A 386 11.54 -19.62 -6.32
C LEU A 386 12.40 -20.42 -5.35
N SER A 387 12.69 -21.68 -5.68
CA SER A 387 13.47 -22.54 -4.82
C SER A 387 14.21 -23.55 -5.68
N GLU A 388 14.92 -24.47 -5.03
CA GLU A 388 15.64 -25.52 -5.76
C GLU A 388 14.68 -26.41 -6.52
N ASP A 389 13.49 -26.68 -5.97
CA ASP A 389 12.49 -27.52 -6.61
C ASP A 389 11.55 -26.74 -7.51
N ASN A 390 11.91 -25.50 -7.88
CA ASN A 390 11.15 -24.68 -8.81
C ASN A 390 9.71 -24.47 -8.33
N SER A 391 9.52 -24.37 -7.02
CA SER A 391 8.21 -24.16 -6.42
C SER A 391 8.11 -22.75 -5.86
N ILE A 392 6.92 -22.40 -5.38
CA ILE A 392 6.63 -21.06 -4.88
C ILE A 392 6.78 -21.06 -3.37
N GLN A 393 7.62 -20.16 -2.86
CA GLN A 393 7.85 -20.01 -1.43
C GLN A 393 8.04 -18.53 -1.12
N THR A 394 7.44 -18.08 -0.03
CA THR A 394 7.56 -16.69 0.40
C THR A 394 8.57 -16.57 1.53
N MET A 395 9.29 -15.44 1.54
CA MET A 395 10.34 -15.18 2.50
C MET A 395 9.99 -13.96 3.34
N ILE A 396 10.79 -13.73 4.37
CA ILE A 396 10.55 -12.62 5.29
C ILE A 396 11.89 -12.19 5.89
N THR A 397 12.03 -10.89 6.12
CA THR A 397 13.20 -10.32 6.77
C THR A 397 12.75 -9.53 7.99
N PHE A 398 13.61 -9.49 9.02
CA PHE A 398 13.36 -8.72 10.22
C PHE A 398 14.37 -7.61 10.43
N ASP A 399 15.30 -7.42 9.50
CA ASP A 399 16.34 -6.39 9.62
C ASP A 399 16.38 -5.52 8.38
N GLN A 400 15.24 -5.36 7.72
CA GLN A 400 15.09 -4.47 6.55
C GLN A 400 16.07 -4.85 5.44
N GLY A 401 15.77 -6.00 4.84
CA GLY A 401 16.55 -6.50 3.72
C GLY A 401 17.93 -7.03 4.06
N GLY A 402 18.25 -7.14 5.35
CA GLY A 402 19.55 -7.64 5.74
C GLY A 402 19.68 -9.14 5.59
N ARG A 403 18.74 -9.88 6.16
CA ARG A 403 18.75 -11.34 6.10
C ARG A 403 17.32 -11.84 5.97
N TRP A 404 17.08 -12.71 4.99
CA TRP A 404 15.77 -13.30 4.77
C TRP A 404 15.76 -14.73 5.29
N THR A 405 14.57 -15.20 5.65
CA THR A 405 14.42 -16.56 6.17
C THR A 405 13.06 -17.11 5.73
N HIS A 406 12.97 -18.44 5.70
CA HIS A 406 11.74 -19.09 5.30
C HIS A 406 10.66 -18.88 6.36
N LEU A 407 9.42 -18.76 5.89
CA LEU A 407 8.28 -18.67 6.80
C LEU A 407 8.05 -20.02 7.47
N ARG A 408 8.08 -20.04 8.79
CA ARG A 408 7.83 -21.27 9.53
C ARG A 408 6.39 -21.71 9.30
N LYS A 409 6.20 -22.96 8.90
CA LYS A 409 4.89 -23.44 8.51
C LYS A 409 3.92 -23.33 9.69
N PRO A 410 2.68 -22.90 9.45
CA PRO A 410 1.71 -22.79 10.55
C PRO A 410 1.42 -24.15 11.18
N GLU A 411 1.56 -24.22 12.50
CA GLU A 411 1.33 -25.46 13.22
C GLU A 411 -0.12 -25.90 13.10
N ASN A 412 -1.05 -25.01 13.42
CA ASN A 412 -2.47 -25.33 13.36
C ASN A 412 -3.03 -25.10 11.96
N SER A 413 -2.43 -25.81 11.01
CA SER A 413 -2.91 -25.85 9.64
C SER A 413 -2.74 -27.27 9.11
N GLU A 414 -3.47 -27.58 8.04
CA GLU A 414 -3.59 -28.96 7.56
C GLU A 414 -2.71 -29.16 6.33
N CYS A 415 -1.46 -29.58 6.57
CA CYS A 415 -0.62 -30.13 5.52
C CYS A 415 0.53 -30.94 6.12
N ASP A 416 1.00 -30.54 7.29
CA ASP A 416 2.08 -31.29 7.94
C ASP A 416 1.65 -32.71 8.29
N ALA A 417 0.35 -32.92 8.49
CA ALA A 417 -0.21 -34.25 8.65
C ALA A 417 -0.83 -34.79 7.38
N THR A 418 -0.99 -33.95 6.35
CA THR A 418 -1.62 -34.38 5.11
C THR A 418 -0.62 -35.03 4.17
N ALA A 419 0.55 -34.40 4.01
CA ALA A 419 1.55 -34.90 3.07
C ALA A 419 2.94 -34.49 3.59
N LYS A 420 3.52 -35.36 4.43
CA LYS A 420 4.89 -35.16 4.89
C LYS A 420 5.91 -35.77 3.94
N ASN A 421 5.54 -36.83 3.21
CA ASN A 421 6.45 -37.44 2.24
C ASN A 421 6.79 -36.46 1.13
N LYS A 422 5.82 -35.66 0.69
CA LYS A 422 6.08 -34.60 -0.27
C LYS A 422 6.73 -33.42 0.43
N ASN A 423 7.81 -32.90 -0.14
CA ASN A 423 8.61 -31.89 0.54
C ASN A 423 7.89 -30.54 0.58
N GLU A 424 7.31 -30.12 -0.54
CA GLU A 424 6.84 -28.75 -0.71
C GLU A 424 5.43 -28.61 -0.17
N CYS A 425 5.27 -27.82 0.90
CA CYS A 425 3.97 -27.36 1.34
C CYS A 425 4.11 -26.14 2.23
N SER A 426 5.07 -25.29 1.93
CA SER A 426 5.23 -24.05 2.69
C SER A 426 4.13 -23.06 2.32
N LEU A 427 3.89 -22.11 3.22
CA LEU A 427 2.89 -21.09 2.99
C LEU A 427 3.36 -20.10 1.92
N HIS A 428 2.42 -19.61 1.12
CA HIS A 428 2.69 -18.60 0.09
C HIS A 428 1.72 -17.45 0.28
N ILE A 429 2.22 -16.33 0.80
CA ILE A 429 1.39 -15.14 1.01
C ILE A 429 1.22 -14.46 -0.34
N HIS A 430 -0.02 -14.42 -0.82
CA HIS A 430 -0.30 -13.79 -2.11
C HIS A 430 -0.18 -12.28 -2.01
N ALA A 431 0.30 -11.66 -3.09
CA ALA A 431 0.37 -10.20 -3.15
C ALA A 431 0.23 -9.73 -4.59
N SER A 432 0.89 -8.62 -4.94
CA SER A 432 0.74 -8.03 -6.27
C SER A 432 1.21 -8.95 -7.39
N TYR A 433 2.16 -9.85 -7.14
CA TYR A 433 2.57 -10.79 -8.18
C TYR A 433 1.46 -11.75 -8.55
N SER A 434 0.78 -12.31 -7.54
CA SER A 434 -0.35 -13.19 -7.81
C SER A 434 -1.53 -12.42 -8.37
N ILE A 435 -1.74 -11.19 -7.89
CA ILE A 435 -2.82 -10.36 -8.40
C ILE A 435 -2.58 -9.99 -9.86
N SER A 436 -1.35 -9.61 -10.19
CA SER A 436 -1.02 -9.28 -11.57
C SER A 436 -1.24 -10.47 -12.50
N GLN A 437 -0.98 -11.69 -12.01
CA GLN A 437 -1.24 -12.91 -12.78
C GLN A 437 -2.70 -13.32 -12.74
N LYS A 438 -3.59 -12.41 -12.36
CA LYS A 438 -5.04 -12.63 -12.40
C LYS A 438 -5.46 -13.83 -11.55
N LEU A 439 -4.70 -14.14 -10.50
CA LEU A 439 -5.12 -15.16 -9.57
C LEU A 439 -6.29 -14.66 -8.73
N ASN A 440 -7.05 -15.61 -8.17
CA ASN A 440 -8.22 -15.25 -7.39
C ASN A 440 -7.82 -14.67 -6.04
N VAL A 441 -7.17 -13.51 -6.07
CA VAL A 441 -6.73 -12.83 -4.84
C VAL A 441 -7.35 -11.44 -4.81
N PRO A 442 -8.34 -11.21 -3.94
CA PRO A 442 -9.02 -9.90 -3.91
C PRO A 442 -8.14 -8.78 -3.40
N MET A 443 -7.51 -8.98 -2.25
CA MET A 443 -6.75 -7.93 -1.60
C MET A 443 -5.33 -8.40 -1.28
N ALA A 444 -4.41 -7.45 -1.28
CA ALA A 444 -3.03 -7.69 -0.87
C ALA A 444 -2.96 -7.80 0.65
N PRO A 445 -1.81 -8.23 1.19
CA PRO A 445 -1.66 -8.22 2.66
C PRO A 445 -1.98 -6.86 3.24
N LEU A 446 -2.69 -6.86 4.38
CA LEU A 446 -3.12 -5.65 5.06
C LEU A 446 -2.42 -5.52 6.40
N SER A 447 -1.88 -4.34 6.68
CA SER A 447 -1.17 -4.09 7.93
C SER A 447 -1.26 -2.60 8.26
N GLU A 448 -1.84 -2.28 9.41
CA GLU A 448 -1.94 -0.90 9.88
C GLU A 448 -0.83 -0.62 10.88
N PRO A 449 -0.12 0.50 10.76
CA PRO A 449 1.01 0.74 11.68
C PRO A 449 0.59 0.93 13.12
N ASN A 450 -0.62 1.46 13.36
CA ASN A 450 -1.08 1.62 14.73
C ASN A 450 -1.22 0.28 15.44
N ALA A 451 -1.77 -0.71 14.75
CA ALA A 451 -1.93 -2.05 15.29
C ALA A 451 -0.68 -2.85 14.97
N VAL A 452 0.28 -2.83 15.91
CA VAL A 452 1.55 -3.50 15.66
C VAL A 452 1.35 -5.01 15.65
N GLY A 453 2.17 -5.69 14.84
CA GLY A 453 2.13 -7.13 14.75
C GLY A 453 1.05 -7.69 13.85
N ILE A 454 -0.07 -6.97 13.70
CA ILE A 454 -1.25 -7.51 13.03
C ILE A 454 -1.05 -7.44 11.52
N VAL A 455 -1.13 -8.60 10.86
CA VAL A 455 -1.10 -8.71 9.40
C VAL A 455 -2.10 -9.76 8.98
N ILE A 456 -2.91 -9.46 7.97
CA ILE A 456 -3.88 -10.39 7.42
C ILE A 456 -3.70 -10.45 5.92
N ALA A 457 -3.73 -11.66 5.36
CA ALA A 457 -3.43 -11.84 3.95
C ALA A 457 -3.98 -13.17 3.47
N HIS A 458 -3.91 -13.38 2.16
CA HIS A 458 -4.29 -14.63 1.53
C HIS A 458 -3.08 -15.55 1.39
N GLY A 459 -3.29 -16.84 1.58
CA GLY A 459 -2.20 -17.79 1.54
C GLY A 459 -2.32 -18.88 0.49
N SER A 460 -1.42 -19.86 0.54
CA SER A 460 -1.43 -21.00 -0.36
C SER A 460 -0.41 -22.02 0.15
N VAL A 461 -0.69 -23.29 -0.12
CA VAL A 461 0.13 -24.38 0.41
C VAL A 461 0.74 -25.19 -0.72
N GLY A 462 1.02 -24.52 -1.84
CA GLY A 462 1.68 -25.21 -2.94
C GLY A 462 0.81 -26.23 -3.65
N ASP A 463 -0.49 -25.99 -3.72
CA ASP A 463 -1.41 -26.85 -4.44
C ASP A 463 -2.19 -26.02 -5.46
N ALA A 464 -2.57 -26.67 -6.56
CA ALA A 464 -3.34 -25.97 -7.58
C ALA A 464 -4.69 -25.51 -7.06
N ILE A 465 -5.24 -26.22 -6.07
CA ILE A 465 -6.51 -25.82 -5.48
C ILE A 465 -6.33 -24.59 -4.60
N SER A 466 -5.23 -24.54 -3.84
CA SER A 466 -4.95 -23.37 -3.01
C SER A 466 -4.60 -22.14 -3.82
N VAL A 467 -4.19 -22.33 -5.09
CA VAL A 467 -3.98 -21.18 -5.97
C VAL A 467 -5.32 -20.57 -6.40
N MET A 468 -6.31 -21.44 -6.64
CA MET A 468 -7.64 -20.94 -6.98
C MET A 468 -8.41 -20.47 -5.76
N VAL A 469 -8.19 -21.10 -4.61
CA VAL A 469 -8.84 -20.76 -3.37
C VAL A 469 -7.76 -20.51 -2.31
N PRO A 470 -7.43 -19.27 -2.04
CA PRO A 470 -6.25 -18.97 -1.21
C PRO A 470 -6.46 -19.17 0.29
N ASP A 471 -7.68 -18.90 0.79
CA ASP A 471 -7.97 -18.87 2.22
C ASP A 471 -7.27 -17.69 2.89
N VAL A 472 -7.79 -17.23 4.03
CA VAL A 472 -7.35 -16.01 4.69
C VAL A 472 -6.52 -16.38 5.91
N TYR A 473 -5.29 -15.87 5.97
CA TYR A 473 -4.37 -16.12 7.07
C TYR A 473 -4.18 -14.86 7.90
N ILE A 474 -3.92 -15.07 9.19
CA ILE A 474 -3.74 -13.99 10.14
C ILE A 474 -2.32 -14.06 10.69
N SER A 475 -1.88 -12.98 11.30
CA SER A 475 -0.54 -12.92 11.88
C SER A 475 -0.50 -11.83 12.93
N ASP A 476 0.00 -12.16 14.12
CA ASP A 476 0.19 -11.19 15.19
C ASP A 476 1.66 -10.98 15.55
N ASP A 477 2.56 -11.84 15.08
CA ASP A 477 3.99 -11.67 15.26
C ASP A 477 4.63 -10.79 14.21
N GLY A 478 3.82 -10.10 13.40
CA GLY A 478 4.34 -9.30 12.30
C GLY A 478 4.76 -10.09 11.08
N GLY A 479 4.36 -11.36 10.99
CA GLY A 479 4.72 -12.20 9.86
C GLY A 479 5.55 -13.42 10.21
N TYR A 480 6.11 -13.50 11.42
CA TYR A 480 6.92 -14.65 11.79
C TYR A 480 6.07 -15.92 11.88
N SER A 481 4.87 -15.80 12.44
CA SER A 481 3.96 -16.92 12.59
C SER A 481 2.62 -16.59 11.96
N TRP A 482 2.00 -17.58 11.31
CA TRP A 482 0.73 -17.42 10.64
C TRP A 482 -0.23 -18.52 11.06
N THR A 483 -1.51 -18.30 10.77
CA THR A 483 -2.55 -19.26 11.10
C THR A 483 -3.73 -19.02 10.18
N LYS A 484 -4.17 -20.06 9.48
CA LYS A 484 -5.36 -19.96 8.64
C LYS A 484 -6.59 -19.75 9.52
N MET A 485 -7.37 -18.73 9.19
CA MET A 485 -8.55 -18.37 9.97
C MET A 485 -9.85 -18.46 9.17
N LEU A 486 -9.83 -18.10 7.90
CA LEU A 486 -11.03 -18.06 7.08
C LEU A 486 -10.79 -18.84 5.79
N GLU A 487 -11.86 -19.41 5.25
CA GLU A 487 -11.80 -20.22 4.04
C GLU A 487 -12.20 -19.38 2.83
N GLY A 488 -11.42 -19.48 1.77
CA GLY A 488 -11.73 -18.80 0.54
C GLY A 488 -11.26 -17.36 0.52
N PRO A 489 -11.40 -16.71 -0.64
CA PRO A 489 -11.05 -15.29 -0.73
C PRO A 489 -12.00 -14.42 0.07
N HIS A 490 -11.45 -13.36 0.64
CA HIS A 490 -12.23 -12.42 1.44
C HIS A 490 -11.76 -10.99 1.18
N TYR A 491 -12.65 -10.05 1.46
CA TYR A 491 -12.33 -8.63 1.54
C TYR A 491 -12.32 -8.24 3.01
N TYR A 492 -11.18 -7.79 3.51
CA TYR A 492 -11.03 -7.46 4.92
C TYR A 492 -10.58 -6.03 5.12
N THR A 493 -10.89 -5.48 6.28
CA THR A 493 -10.48 -4.15 6.68
C THR A 493 -10.13 -4.14 8.15
N ILE A 494 -9.38 -3.13 8.58
CA ILE A 494 -8.97 -2.98 9.96
C ILE A 494 -9.40 -1.61 10.46
N LEU A 495 -9.95 -1.59 11.68
CA LEU A 495 -10.36 -0.34 12.30
C LEU A 495 -10.14 -0.44 13.80
N ASP A 496 -10.39 0.65 14.51
CA ASP A 496 -10.15 0.76 15.95
C ASP A 496 -8.68 0.50 16.28
N SER A 497 -7.79 0.83 15.35
CA SER A 497 -6.36 0.56 15.48
C SER A 497 -6.10 -0.91 15.78
N GLY A 498 -6.77 -1.78 15.04
CA GLY A 498 -6.64 -3.21 15.21
C GLY A 498 -7.65 -3.83 16.14
N GLY A 499 -8.41 -3.04 16.89
CA GLY A 499 -9.40 -3.58 17.80
C GLY A 499 -10.52 -4.33 17.11
N ILE A 500 -10.77 -4.04 15.84
CA ILE A 500 -11.80 -4.73 15.06
C ILE A 500 -11.22 -5.08 13.70
N ILE A 501 -11.48 -6.30 13.25
CA ILE A 501 -11.05 -6.78 11.93
C ILE A 501 -12.25 -7.43 11.27
N VAL A 502 -12.83 -6.76 10.28
CA VAL A 502 -14.02 -7.21 9.60
C VAL A 502 -13.63 -7.89 8.29
N ALA A 503 -14.30 -9.01 7.98
CA ALA A 503 -14.05 -9.74 6.74
C ALA A 503 -15.37 -10.05 6.05
N ILE A 504 -15.32 -10.11 4.73
CA ILE A 504 -16.49 -10.40 3.90
C ILE A 504 -16.11 -11.43 2.85
N GLU A 505 -16.90 -12.49 2.74
CA GLU A 505 -16.62 -13.55 1.79
C GLU A 505 -16.71 -13.04 0.35
N HIS A 506 -15.78 -13.49 -0.48
CA HIS A 506 -15.76 -13.14 -1.90
C HIS A 506 -16.13 -14.38 -2.71
N SER A 507 -17.36 -14.39 -3.25
CA SER A 507 -17.82 -15.51 -4.04
C SER A 507 -18.85 -15.01 -5.05
N SER A 508 -19.24 -15.92 -5.94
CA SER A 508 -20.25 -15.59 -6.95
C SER A 508 -21.66 -15.56 -6.36
N ARG A 509 -21.87 -16.12 -5.17
CA ARG A 509 -23.15 -16.18 -4.48
C ARG A 509 -23.39 -14.91 -3.67
N PRO A 510 -24.62 -14.41 -3.65
CA PRO A 510 -24.92 -13.19 -2.86
C PRO A 510 -24.76 -13.47 -1.37
N ILE A 511 -23.94 -12.68 -0.71
CA ILE A 511 -23.61 -12.90 0.68
C ILE A 511 -24.47 -12.02 1.57
N ASN A 512 -24.63 -12.43 2.82
CA ASN A 512 -25.33 -11.63 3.82
C ASN A 512 -24.71 -11.77 5.20
N VAL A 513 -23.49 -12.28 5.28
CA VAL A 513 -22.82 -12.58 6.53
C VAL A 513 -21.53 -11.78 6.61
N ILE A 514 -21.24 -11.25 7.79
CA ILE A 514 -20.00 -10.51 8.06
C ILE A 514 -19.25 -11.24 9.16
N LYS A 515 -17.95 -11.43 8.96
CA LYS A 515 -17.08 -12.07 9.95
C LYS A 515 -16.15 -11.03 10.55
N PHE A 516 -16.08 -10.98 11.88
CA PHE A 516 -15.28 -9.98 12.57
C PHE A 516 -14.52 -10.63 13.72
N SER A 517 -13.54 -9.90 14.25
CA SER A 517 -12.73 -10.36 15.37
C SER A 517 -12.28 -9.16 16.18
N THR A 518 -12.49 -9.22 17.50
CA THR A 518 -12.22 -8.10 18.38
C THR A 518 -10.99 -8.31 19.25
N ASP A 519 -10.15 -9.29 18.90
CA ASP A 519 -8.94 -9.59 19.67
C ASP A 519 -7.78 -9.85 18.73
N GLU A 520 -7.62 -8.97 17.75
CA GLU A 520 -6.47 -8.99 16.82
C GLU A 520 -6.44 -10.28 16.00
N GLY A 521 -7.61 -10.70 15.52
CA GLY A 521 -7.73 -11.89 14.69
C GLY A 521 -7.54 -13.22 15.38
N GLN A 522 -7.62 -13.26 16.71
CA GLN A 522 -7.46 -14.52 17.44
C GLN A 522 -8.76 -15.29 17.55
N CYS A 523 -9.87 -14.60 17.78
CA CYS A 523 -11.19 -15.23 17.88
C CYS A 523 -12.14 -14.55 16.92
N TRP A 524 -12.70 -15.31 15.99
CA TRP A 524 -13.56 -14.78 14.96
C TRP A 524 -15.01 -15.11 15.25
N GLN A 525 -15.88 -14.11 15.06
CA GLN A 525 -17.30 -14.25 15.26
C GLN A 525 -18.01 -14.07 13.92
N THR A 526 -19.24 -14.59 13.83
CA THR A 526 -20.02 -14.56 12.61
C THR A 526 -21.36 -13.88 12.88
N TYR A 527 -21.70 -12.90 12.04
CA TYR A 527 -22.93 -12.14 12.18
C TYR A 527 -23.63 -12.01 10.83
N THR A 528 -24.93 -12.23 10.82
CA THR A 528 -25.75 -12.09 9.63
C THR A 528 -26.43 -10.72 9.67
N PHE A 529 -25.93 -9.78 8.85
CA PHE A 529 -26.40 -8.41 8.94
C PHE A 529 -27.70 -8.15 8.22
N THR A 530 -28.21 -9.10 7.44
CA THR A 530 -29.49 -8.91 6.76
C THR A 530 -30.03 -10.25 6.31
N ARG A 531 -31.34 -10.26 6.05
CA ARG A 531 -32.02 -11.43 5.50
C ARG A 531 -32.20 -11.36 4.00
N ASP A 532 -31.79 -10.24 3.37
CA ASP A 532 -31.79 -10.10 1.93
C ASP A 532 -30.36 -10.20 1.41
N PRO A 533 -29.90 -11.37 0.98
CA PRO A 533 -28.51 -11.50 0.55
C PRO A 533 -28.19 -10.59 -0.63
N ILE A 534 -27.08 -9.88 -0.51
CA ILE A 534 -26.68 -8.89 -1.52
C ILE A 534 -25.45 -9.40 -2.24
N TYR A 535 -25.27 -8.90 -3.47
CA TYR A 535 -24.03 -9.12 -4.19
C TYR A 535 -23.03 -8.06 -3.74
N PHE A 536 -21.93 -8.49 -3.13
CA PHE A 536 -21.01 -7.58 -2.48
C PHE A 536 -20.32 -6.67 -3.49
N THR A 537 -20.42 -5.37 -3.27
CA THR A 537 -19.76 -4.36 -4.09
C THR A 537 -18.55 -3.75 -3.39
N GLY A 538 -18.63 -3.53 -2.09
CA GLY A 538 -17.51 -2.99 -1.34
C GLY A 538 -17.87 -2.61 0.08
N LEU A 539 -16.86 -2.40 0.91
CA LEU A 539 -17.06 -1.93 2.27
C LEU A 539 -16.11 -0.79 2.57
N ALA A 540 -16.52 0.08 3.49
CA ALA A 540 -15.75 1.24 3.86
C ALA A 540 -15.72 1.36 5.38
N SER A 541 -14.57 1.80 5.89
CA SER A 541 -14.36 1.99 7.32
C SER A 541 -14.38 3.47 7.65
N GLU A 542 -14.93 3.81 8.81
CA GLU A 542 -14.87 5.19 9.28
C GLU A 542 -13.42 5.57 9.53
N PRO A 543 -12.97 6.75 9.09
CA PRO A 543 -11.54 7.08 9.21
C PRO A 543 -11.17 7.64 10.57
N GLY A 544 -10.89 6.78 11.53
CA GLY A 544 -10.49 7.24 12.85
C GLY A 544 -9.60 6.21 13.54
N ALA A 545 -8.75 6.70 14.43
CA ALA A 545 -7.93 5.80 15.23
C ALA A 545 -8.80 4.99 16.19
N ARG A 546 -9.87 5.62 16.70
CA ARG A 546 -10.83 4.97 17.57
C ARG A 546 -12.12 4.61 16.85
N SER A 547 -12.09 4.61 15.51
CA SER A 547 -13.29 4.44 14.72
C SER A 547 -13.94 3.09 14.96
N MET A 548 -15.29 3.06 14.85
CA MET A 548 -16.03 1.83 15.11
C MET A 548 -17.26 1.63 14.22
N ASN A 549 -17.58 2.54 13.30
CA ASN A 549 -18.59 2.25 12.31
C ASN A 549 -17.91 1.75 11.03
N ILE A 550 -18.62 0.86 10.32
CA ILE A 550 -18.27 0.47 8.96
C ILE A 550 -19.52 0.56 8.11
N SER A 551 -19.34 0.44 6.79
CA SER A 551 -20.45 0.53 5.85
C SER A 551 -20.22 -0.45 4.71
N ILE A 552 -21.18 -1.36 4.52
CA ILE A 552 -21.17 -2.31 3.41
C ILE A 552 -22.33 -1.96 2.48
N TRP A 553 -22.07 -2.00 1.17
CA TRP A 553 -23.11 -1.69 0.20
C TRP A 553 -23.06 -2.69 -0.95
N GLY A 554 -24.22 -2.84 -1.60
CA GLY A 554 -24.36 -3.78 -2.70
C GLY A 554 -25.80 -3.78 -3.18
N PHE A 555 -26.05 -4.54 -4.23
CA PHE A 555 -27.37 -4.64 -4.82
C PHE A 555 -27.93 -6.05 -4.62
N THR A 556 -29.25 -6.12 -4.49
CA THR A 556 -29.93 -7.39 -4.26
C THR A 556 -30.53 -7.91 -5.56
N GLU A 557 -30.57 -9.23 -5.69
CA GLU A 557 -31.35 -9.85 -6.75
C GLU A 557 -32.81 -9.88 -6.28
N SER A 558 -33.64 -9.06 -6.93
CA SER A 558 -35.04 -8.93 -6.56
C SER A 558 -35.93 -9.57 -7.61
N PHE A 559 -35.40 -10.56 -8.32
CA PHE A 559 -36.05 -11.16 -9.48
C PHE A 559 -36.39 -10.08 -10.50
N LEU A 560 -35.32 -9.58 -11.12
CA LEU A 560 -35.29 -8.38 -11.97
C LEU A 560 -35.44 -7.12 -11.13
N THR A 561 -35.01 -5.99 -11.67
CA THR A 561 -34.94 -4.70 -10.96
C THR A 561 -34.09 -4.83 -9.69
N SER A 562 -32.80 -5.03 -9.93
CA SER A 562 -31.84 -5.08 -8.83
C SER A 562 -31.66 -3.68 -8.26
N GLN A 563 -32.04 -3.52 -6.99
CA GLN A 563 -31.95 -2.23 -6.32
C GLN A 563 -30.86 -2.27 -5.25
N TRP A 564 -30.17 -1.15 -5.08
CA TRP A 564 -29.02 -1.08 -4.20
C TRP A 564 -29.45 -0.92 -2.74
N VAL A 565 -28.52 -1.17 -1.84
CA VAL A 565 -28.77 -1.10 -0.40
C VAL A 565 -27.42 -1.03 0.31
N SER A 566 -27.33 -0.17 1.32
CA SER A 566 -26.12 -0.01 2.12
C SER A 566 -26.41 -0.34 3.57
N TYR A 567 -25.47 -1.03 4.21
CA TYR A 567 -25.57 -1.41 5.62
C TYR A 567 -24.43 -0.78 6.39
N THR A 568 -24.75 -0.09 7.49
CA THR A 568 -23.77 0.55 8.35
C THR A 568 -23.85 -0.08 9.74
N ILE A 569 -22.72 -0.60 10.21
CA ILE A 569 -22.67 -1.33 11.47
C ILE A 569 -21.79 -0.58 12.45
N ASP A 570 -22.25 -0.50 13.70
CA ASP A 570 -21.50 0.13 14.78
C ASP A 570 -21.19 -0.93 15.84
N PHE A 571 -19.92 -1.05 16.20
CA PHE A 571 -19.47 -2.06 17.14
C PHE A 571 -19.30 -1.54 18.56
N LYS A 572 -19.87 -0.38 18.87
CA LYS A 572 -19.69 0.19 20.20
C LYS A 572 -20.35 -0.66 21.27
N ASP A 573 -21.63 -1.01 21.08
CA ASP A 573 -22.33 -1.83 22.06
C ASP A 573 -21.72 -3.22 22.19
N ILE A 574 -20.98 -3.68 21.19
CA ILE A 574 -20.23 -4.92 21.33
C ILE A 574 -19.07 -4.72 22.29
N LEU A 575 -18.34 -3.63 22.13
CA LEU A 575 -17.17 -3.33 22.96
C LEU A 575 -17.62 -2.52 24.19
N GLU A 576 -18.33 -3.21 25.08
CA GLU A 576 -18.76 -2.62 26.34
C GLU A 576 -17.57 -2.38 27.24
N ARG A 577 -17.02 -3.46 27.79
CA ARG A 577 -15.90 -3.37 28.71
C ARG A 577 -14.71 -2.68 28.06
N ASN A 578 -13.94 -1.97 28.87
CA ASN A 578 -12.66 -1.43 28.47
C ASN A 578 -11.57 -2.39 28.93
N CYS A 579 -10.65 -2.70 28.02
CA CYS A 579 -9.62 -3.70 28.30
C CYS A 579 -8.75 -3.31 29.48
N GLU A 580 -8.94 -3.98 30.62
CA GLU A 580 -8.04 -3.80 31.75
C GLU A 580 -6.72 -4.52 31.49
N GLU A 581 -5.79 -4.35 32.43
CA GLU A 581 -4.49 -5.02 32.30
C GLU A 581 -4.62 -6.52 32.34
N LYS A 582 -5.77 -7.05 32.78
CA LYS A 582 -6.02 -8.48 32.76
C LYS A 582 -6.30 -9.02 31.37
N ASP A 583 -6.47 -8.15 30.37
CA ASP A 583 -6.83 -8.56 29.01
C ASP A 583 -5.67 -8.47 28.03
N TYR A 584 -4.50 -8.02 28.48
CA TYR A 584 -3.36 -7.84 27.60
C TYR A 584 -2.27 -8.87 27.91
N THR A 585 -1.39 -9.05 26.93
CA THR A 585 -0.18 -9.86 27.10
C THR A 585 0.98 -9.14 26.42
N ILE A 586 2.18 -9.37 26.93
CA ILE A 586 3.38 -8.68 26.46
C ILE A 586 4.16 -9.61 25.54
N TRP A 587 4.54 -9.10 24.38
CA TRP A 587 5.28 -9.88 23.40
C TRP A 587 6.42 -9.05 22.84
N LEU A 588 7.43 -9.74 22.34
CA LEU A 588 8.59 -9.11 21.71
C LEU A 588 8.73 -9.61 20.28
N ALA A 589 9.23 -8.72 19.41
CA ALA A 589 9.44 -9.09 18.03
C ALA A 589 10.46 -10.22 17.91
N HIS A 590 10.32 -11.02 16.85
CA HIS A 590 11.20 -12.16 16.67
C HIS A 590 12.65 -11.68 16.51
N SER A 591 13.57 -12.38 17.18
CA SER A 591 14.98 -12.03 17.16
C SER A 591 15.73 -13.10 16.38
N THR A 592 16.36 -12.68 15.28
CA THR A 592 17.21 -13.57 14.51
C THR A 592 18.59 -13.76 15.11
N ASP A 593 18.85 -13.18 16.28
CA ASP A 593 20.12 -13.27 16.97
C ASP A 593 20.06 -14.29 18.10
N PRO A 594 21.13 -15.08 18.28
CA PRO A 594 21.09 -16.13 19.32
C PRO A 594 21.31 -15.62 20.73
N GLU A 595 21.85 -14.41 20.90
CA GLU A 595 22.13 -13.90 22.23
C GLU A 595 20.84 -13.66 23.00
N ASP A 596 20.86 -14.01 24.29
CA ASP A 596 19.65 -13.94 25.09
C ASP A 596 19.28 -12.51 25.44
N TYR A 597 20.26 -11.61 25.53
CA TYR A 597 19.99 -10.21 25.84
C TYR A 597 19.61 -9.39 24.61
N GLU A 598 19.11 -10.05 23.56
CA GLU A 598 18.61 -9.40 22.35
C GLU A 598 17.38 -10.18 21.88
N ASP A 599 16.28 -10.07 22.63
CA ASP A 599 15.06 -10.80 22.35
C ASP A 599 14.15 -10.08 21.36
N GLY A 600 14.44 -8.82 21.03
CA GLY A 600 13.60 -8.10 20.09
C GLY A 600 14.20 -6.79 19.62
N CYS A 601 15.44 -6.84 19.16
CA CYS A 601 16.15 -5.65 18.72
C CYS A 601 16.00 -5.47 17.21
N ILE A 602 14.80 -5.06 16.81
CA ILE A 602 14.51 -4.80 15.41
C ILE A 602 15.22 -3.50 15.02
N LEU A 603 16.22 -3.62 14.13
CA LEU A 603 16.99 -2.47 13.65
C LEU A 603 17.63 -1.71 14.80
N GLY A 604 18.17 -2.44 15.77
CA GLY A 604 18.95 -1.82 16.82
C GLY A 604 18.33 -1.85 18.20
N TYR A 605 17.21 -1.16 18.38
CA TYR A 605 16.59 -0.99 19.68
C TYR A 605 15.52 -2.06 19.93
N LYS A 606 15.26 -2.30 21.21
CA LYS A 606 14.28 -3.28 21.66
C LYS A 606 13.04 -2.57 22.19
N GLU A 607 11.87 -2.98 21.71
CA GLU A 607 10.61 -2.41 22.12
C GLU A 607 9.68 -3.52 22.60
N GLN A 608 8.95 -3.24 23.68
CA GLN A 608 7.96 -4.17 24.20
C GLN A 608 6.58 -3.75 23.71
N PHE A 609 5.84 -4.71 23.16
CA PHE A 609 4.50 -4.47 22.67
C PHE A 609 3.49 -5.26 23.50
N LEU A 610 2.24 -4.81 23.44
CA LEU A 610 1.15 -5.49 24.12
C LEU A 610 0.17 -6.05 23.10
N ARG A 611 -0.65 -7.00 23.55
CA ARG A 611 -1.53 -7.74 22.66
C ARG A 611 -2.77 -8.16 23.42
N LEU A 612 -3.93 -7.97 22.80
CA LEU A 612 -5.18 -8.42 23.42
C LEU A 612 -5.21 -9.93 23.50
N ARG A 613 -5.64 -10.44 24.66
CA ARG A 613 -5.70 -11.88 24.84
C ARG A 613 -6.82 -12.48 23.99
N LYS A 614 -6.88 -13.80 23.99
CA LYS A 614 -7.89 -14.50 23.22
C LYS A 614 -9.28 -14.29 23.81
N SER A 615 -10.28 -14.23 22.93
CA SER A 615 -11.67 -14.03 23.32
C SER A 615 -11.87 -12.68 24.00
N SER A 616 -11.00 -11.71 23.70
CA SER A 616 -11.11 -10.39 24.30
C SER A 616 -12.19 -9.61 23.58
N MET A 617 -13.34 -9.43 24.24
CA MET A 617 -14.40 -8.58 23.70
C MET A 617 -14.47 -7.29 24.51
N CYS A 618 -13.40 -6.52 24.50
CA CYS A 618 -13.33 -5.26 25.22
C CYS A 618 -12.86 -4.16 24.27
N GLN A 619 -12.86 -2.93 24.78
CA GLN A 619 -12.54 -1.74 24.00
C GLN A 619 -11.18 -1.22 24.44
N ASN A 620 -10.20 -1.31 23.56
CA ASN A 620 -8.84 -0.87 23.85
C ASN A 620 -8.69 0.62 23.55
N GLY A 621 -7.83 1.28 24.32
CA GLY A 621 -7.53 2.68 24.13
C GLY A 621 -6.07 3.02 24.32
N ARG A 622 -5.24 2.00 24.49
CA ARG A 622 -3.82 2.17 24.71
C ARG A 622 -3.03 1.89 23.44
N ASP A 623 -1.89 2.56 23.31
CA ASP A 623 -0.99 2.29 22.20
C ASP A 623 -0.32 0.94 22.39
N TYR A 624 -0.30 0.14 21.32
CA TYR A 624 0.16 -1.24 21.42
C TYR A 624 1.66 -1.37 21.68
N VAL A 625 2.41 -0.27 21.74
CA VAL A 625 3.82 -0.29 22.10
C VAL A 625 3.95 0.37 23.47
N VAL A 626 4.35 -0.41 24.47
CA VAL A 626 4.37 0.08 25.84
C VAL A 626 5.66 0.82 26.18
N THR A 627 6.75 0.55 25.48
CA THR A 627 8.02 1.22 25.75
C THR A 627 7.96 2.63 25.19
N LYS A 628 7.83 3.62 26.09
CA LYS A 628 7.86 5.01 25.66
C LYS A 628 9.20 5.35 25.03
N GLN A 629 10.28 5.19 25.80
CA GLN A 629 11.63 5.41 25.30
C GLN A 629 12.33 4.07 25.16
N PRO A 630 12.56 3.59 23.94
CA PRO A 630 13.19 2.27 23.77
C PRO A 630 14.65 2.27 24.21
N SER A 631 15.15 1.07 24.48
CA SER A 631 16.53 0.87 24.89
C SER A 631 17.34 0.32 23.72
N ILE A 632 18.53 0.87 23.53
CA ILE A 632 19.39 0.48 22.42
C ILE A 632 20.14 -0.79 22.77
N CYS A 633 20.10 -1.77 21.87
CA CYS A 633 20.89 -2.98 22.03
C CYS A 633 22.25 -2.80 21.36
N LEU A 634 23.20 -3.66 21.75
CA LEU A 634 24.48 -3.68 21.06
C LEU A 634 24.31 -4.29 19.67
N CYS A 635 25.14 -3.83 18.74
CA CYS A 635 25.00 -4.23 17.34
C CYS A 635 25.17 -5.75 17.21
N SER A 636 24.45 -6.31 16.25
CA SER A 636 24.47 -7.74 15.96
C SER A 636 24.95 -7.97 14.53
N LEU A 637 25.04 -9.23 14.15
CA LEU A 637 25.34 -9.56 12.77
C LEU A 637 24.15 -9.26 11.86
N GLU A 638 22.93 -9.41 12.37
CA GLU A 638 21.75 -9.03 11.62
C GLU A 638 21.49 -7.53 11.66
N ASP A 639 22.07 -6.81 12.61
CA ASP A 639 22.02 -5.36 12.63
C ASP A 639 22.95 -4.73 11.58
N PHE A 640 23.58 -5.54 10.74
CA PHE A 640 24.47 -5.06 9.69
C PHE A 640 24.04 -5.65 8.35
N LEU A 641 24.01 -4.81 7.33
CA LEU A 641 23.68 -5.21 5.97
C LEU A 641 24.94 -5.69 5.25
N CYS A 642 24.76 -6.62 4.31
CA CYS A 642 25.85 -7.06 3.47
C CYS A 642 26.46 -5.89 2.72
N ASP A 643 27.75 -6.00 2.44
CA ASP A 643 28.47 -4.94 1.73
C ASP A 643 28.44 -5.21 0.23
N PHE A 644 29.04 -4.31 -0.54
CA PHE A 644 29.06 -4.44 -1.98
C PHE A 644 29.86 -5.68 -2.40
N GLY A 645 29.39 -6.35 -3.44
CA GLY A 645 30.03 -7.56 -3.89
C GLY A 645 29.96 -8.72 -2.91
N TYR A 646 29.06 -8.64 -1.93
CA TYR A 646 28.90 -9.68 -0.93
C TYR A 646 27.43 -10.04 -0.80
N TYR A 647 27.17 -11.33 -0.64
CA TYR A 647 25.80 -11.84 -0.48
C TYR A 647 25.77 -12.84 0.65
N ARG A 648 24.63 -12.89 1.33
CA ARG A 648 24.41 -13.87 2.40
C ARG A 648 23.70 -15.07 1.79
N PRO A 649 24.34 -16.24 1.74
CA PRO A 649 23.70 -17.41 1.12
C PRO A 649 22.46 -17.84 1.87
N GLU A 650 21.77 -18.83 1.30
CA GLU A 650 20.52 -19.31 1.88
C GLU A 650 20.78 -19.96 3.23
N ASN A 651 19.76 -19.91 4.10
CA ASN A 651 19.76 -20.55 5.40
C ASN A 651 20.79 -19.95 6.35
N ASP A 652 22.07 -19.99 5.98
CA ASP A 652 23.13 -19.51 6.86
C ASP A 652 23.05 -17.99 7.01
N SER A 653 23.81 -17.47 7.98
CA SER A 653 23.72 -16.08 8.38
C SER A 653 25.02 -15.31 8.23
N LYS A 654 26.05 -15.91 7.63
CA LYS A 654 27.34 -15.26 7.44
C LYS A 654 27.42 -14.70 6.03
N CYS A 655 27.59 -13.38 5.92
CA CYS A 655 27.69 -12.75 4.61
C CYS A 655 29.07 -13.06 4.00
N VAL A 656 29.07 -13.69 2.83
CA VAL A 656 30.30 -14.10 2.17
C VAL A 656 30.46 -13.36 0.85
N GLU A 657 31.57 -13.62 0.15
CA GLU A 657 31.87 -12.91 -1.09
C GLU A 657 31.03 -13.46 -2.24
N GLN A 658 30.58 -12.56 -3.10
CA GLN A 658 30.06 -12.98 -4.40
C GLN A 658 31.21 -13.59 -5.21
N PRO A 659 30.97 -14.70 -5.92
CA PRO A 659 32.06 -15.35 -6.67
C PRO A 659 32.86 -14.42 -7.58
N GLU A 660 33.69 -13.57 -6.96
CA GLU A 660 34.60 -12.69 -7.67
C GLU A 660 35.84 -12.50 -6.82
N LEU A 661 36.96 -12.17 -7.49
CA LEU A 661 38.24 -12.09 -6.81
C LEU A 661 39.02 -10.83 -7.20
N LYS A 662 38.75 -10.30 -8.40
CA LYS A 662 39.52 -9.16 -8.89
C LYS A 662 39.37 -7.94 -7.99
N GLY A 663 38.18 -7.74 -7.43
CA GLY A 663 37.94 -6.60 -6.58
C GLY A 663 37.70 -5.33 -7.37
N HIS A 664 36.54 -4.72 -7.17
CA HIS A 664 36.12 -3.52 -7.91
C HIS A 664 35.99 -2.36 -6.93
N ASP A 665 35.60 -1.20 -7.46
CA ASP A 665 35.51 0.00 -6.62
C ASP A 665 34.53 1.03 -7.16
N LEU A 666 33.35 0.57 -7.60
CA LEU A 666 32.23 1.44 -7.93
C LEU A 666 32.59 2.51 -8.97
N GLU A 667 31.79 3.55 -9.05
CA GLU A 667 32.00 4.66 -9.97
C GLU A 667 31.39 5.92 -9.36
N PHE A 668 31.21 6.96 -10.18
CA PHE A 668 30.48 8.16 -9.79
C PHE A 668 30.03 8.90 -11.05
N CYS A 669 28.94 8.45 -11.65
CA CYS A 669 28.42 9.02 -12.89
C CYS A 669 29.47 8.99 -14.00
N LEU A 670 30.08 10.14 -14.26
CA LEU A 670 31.15 10.24 -15.26
C LEU A 670 32.48 9.82 -14.65
N TYR A 671 32.52 8.57 -14.20
CA TYR A 671 33.72 7.92 -13.63
C TYR A 671 34.09 8.67 -12.34
N GLY A 672 35.37 8.91 -12.08
CA GLY A 672 35.78 9.46 -10.80
C GLY A 672 35.42 8.53 -9.67
N ARG A 673 36.17 7.43 -9.55
CA ARG A 673 35.78 6.31 -8.71
C ARG A 673 36.00 6.63 -7.23
N GLU A 674 35.96 5.59 -6.40
CA GLU A 674 35.98 5.70 -4.96
C GLU A 674 37.42 5.78 -4.44
N GLU A 675 37.57 5.76 -3.11
CA GLU A 675 38.88 5.68 -2.47
C GLU A 675 39.29 4.25 -2.14
N HIS A 676 38.54 3.26 -2.64
CA HIS A 676 38.81 1.85 -2.46
C HIS A 676 38.81 1.45 -0.99
N LEU A 677 37.63 1.17 -0.45
CA LEU A 677 37.48 0.61 0.89
C LEU A 677 37.25 -0.88 0.74
N THR A 678 38.25 -1.67 1.15
CA THR A 678 38.19 -3.12 0.97
C THR A 678 37.20 -3.75 1.94
N THR A 679 37.63 -3.90 3.20
CA THR A 679 36.81 -4.48 4.27
C THR A 679 36.35 -5.90 3.92
N ASN A 680 35.44 -6.44 4.73
CA ASN A 680 34.84 -7.74 4.43
C ASN A 680 33.53 -7.53 3.69
N GLY A 681 32.43 -7.97 4.29
CA GLY A 681 31.13 -7.81 3.66
C GLY A 681 30.01 -7.48 4.63
N TYR A 682 30.16 -6.37 5.34
CA TYR A 682 29.17 -5.95 6.32
C TYR A 682 29.08 -4.43 6.32
N ARG A 683 27.85 -3.91 6.29
CA ARG A 683 27.58 -2.49 6.25
C ARG A 683 26.49 -2.16 7.27
N LYS A 684 26.64 -1.05 7.96
CA LYS A 684 25.65 -0.64 8.94
C LYS A 684 24.32 -0.34 8.25
N ILE A 685 23.26 -1.01 8.70
CA ILE A 685 21.95 -0.83 8.08
C ILE A 685 21.50 0.62 8.24
N PRO A 686 21.07 1.29 7.18
CA PRO A 686 20.62 2.67 7.31
C PRO A 686 19.40 2.80 8.22
N GLY A 687 19.58 3.46 9.36
CA GLY A 687 18.54 3.59 10.36
C GLY A 687 18.73 2.69 11.57
N ASP A 688 19.55 1.66 11.46
CA ASP A 688 19.82 0.78 12.59
C ASP A 688 20.65 1.53 13.62
N LYS A 689 20.03 1.87 14.75
CA LYS A 689 20.68 2.65 15.80
C LYS A 689 21.16 1.67 16.88
N CYS A 690 22.42 1.27 16.79
CA CYS A 690 23.05 0.41 17.79
C CYS A 690 24.48 0.87 17.99
N GLN A 691 25.11 0.36 19.05
CA GLN A 691 26.50 0.70 19.35
C GLN A 691 27.13 -0.46 20.10
N GLY A 692 28.33 -0.85 19.68
CA GLY A 692 29.03 -1.95 20.30
C GLY A 692 28.41 -3.30 19.99
N GLY A 693 29.09 -4.38 20.39
CA GLY A 693 28.55 -5.70 20.17
C GLY A 693 29.38 -6.52 19.20
N VAL A 694 29.46 -6.07 17.95
CA VAL A 694 30.23 -6.75 16.91
C VAL A 694 31.00 -5.70 16.11
N ASN A 695 32.28 -5.94 15.88
CA ASN A 695 33.14 -4.97 15.23
C ASN A 695 33.07 -5.13 13.72
N PRO A 696 32.64 -4.12 12.97
CA PRO A 696 32.69 -4.19 11.51
C PRO A 696 34.03 -3.69 10.97
N VAL A 697 34.36 -4.14 9.77
CA VAL A 697 35.63 -3.78 9.15
C VAL A 697 35.47 -2.48 8.35
N CYS A 707 24.87 9.56 -17.73
CA CYS A 707 24.26 10.48 -16.78
C CYS A 707 23.55 11.61 -17.50
N THR A 708 23.10 12.62 -16.77
CA THR A 708 22.21 13.63 -17.33
C THR A 708 22.72 15.04 -17.02
N SER A 709 22.46 15.95 -17.96
CA SER A 709 22.83 17.36 -17.83
C SER A 709 21.69 18.16 -17.22
C1 NAG B . 7.21 0.80 5.23
C2 NAG B . 8.10 1.83 4.54
C3 NAG B . 8.62 2.86 5.55
C4 NAG B . 7.47 3.46 6.35
C5 NAG B . 6.62 2.34 6.98
C6 NAG B . 5.40 2.85 7.70
C7 NAG B . 9.65 1.60 2.66
C8 NAG B . 10.81 0.82 2.09
N2 NAG B . 9.21 1.21 3.85
O3 NAG B . 9.32 3.89 4.87
O4 NAG B . 7.98 4.31 7.38
O5 NAG B . 6.16 1.45 5.95
O6 NAG B . 5.25 2.21 8.97
O7 NAG B . 9.15 2.55 2.06
C1 NAG B . 7.48 5.66 7.18
C2 NAG B . 7.34 6.31 8.55
C3 NAG B . 6.81 7.73 8.40
C4 NAG B . 7.66 8.54 7.43
C5 NAG B . 7.86 7.77 6.12
C6 NAG B . 8.85 8.43 5.18
C7 NAG B . 6.82 5.15 10.65
C8 NAG B . 5.81 4.36 11.41
N2 NAG B . 6.47 5.53 9.42
O3 NAG B . 6.80 8.37 9.68
O4 NAG B . 6.95 9.74 7.12
O5 NAG B . 8.35 6.45 6.37
O6 NAG B . 9.17 7.59 4.08
O7 NAG B . 7.91 5.45 11.14
C1 BMA B . 7.56 11.04 7.41
C2 BMA B . 7.78 11.28 8.96
C3 BMA B . 8.20 12.72 9.13
C4 BMA B . 9.47 13.03 8.31
C5 BMA B . 9.23 12.67 6.82
C6 BMA B . 10.42 12.93 5.92
O2 BMA B . 8.85 10.50 9.47
O3 BMA B . 8.39 13.08 10.50
O4 BMA B . 9.80 14.40 8.41
O5 BMA B . 8.84 11.27 6.74
O6 BMA B . 10.19 14.15 5.23
C1 MAN B . 7.18 13.72 10.96
C2 MAN B . 7.40 15.28 10.95
C3 MAN B . 6.28 16.02 11.70
C4 MAN B . 5.19 15.05 12.18
C5 MAN B . 5.87 13.99 13.06
C6 MAN B . 4.88 13.02 13.69
O2 MAN B . 7.39 15.80 9.62
O3 MAN B . 5.70 17.06 10.89
O4 MAN B . 4.21 15.74 12.93
O5 MAN B . 6.80 13.21 12.27
O6 MAN B . 3.77 13.77 14.17
C1 MAN B . 11.28 15.07 5.47
C2 MAN B . 10.72 16.52 5.42
C3 MAN B . 11.82 17.51 5.03
C4 MAN B . 13.19 16.98 5.44
C5 MAN B . 13.52 15.71 4.64
C6 MAN B . 14.62 14.87 5.24
O2 MAN B . 10.24 16.95 6.69
O3 MAN B . 11.59 18.80 5.61
O4 MAN B . 14.19 17.96 5.19
O5 MAN B . 12.33 14.87 4.51
O6 MAN B . 15.77 15.69 5.40
C1 NAG C . -20.97 5.07 15.11
C2 NAG C . -20.14 6.29 15.52
C3 NAG C . -20.82 7.02 16.68
C4 NAG C . -22.28 7.34 16.37
C5 NAG C . -23.01 6.07 15.92
C6 NAG C . -24.42 6.33 15.46
C7 NAG C . -17.75 6.74 15.82
C8 NAG C . -16.43 6.18 16.26
N2 NAG C . -18.79 5.91 15.89
O3 NAG C . -20.13 8.23 16.95
O4 NAG C . -22.91 7.85 17.54
O5 NAG C . -22.32 5.47 14.81
O6 NAG C . -24.69 5.65 14.24
O7 NAG C . -17.87 7.90 15.44
C1 NAG C . -23.35 9.21 17.35
C2 NAG C . -24.55 9.44 18.28
C3 NAG C . -25.03 10.88 18.18
C4 NAG C . -23.89 11.85 18.41
C5 NAG C . -22.72 11.52 17.48
C6 NAG C . -21.49 12.37 17.74
C7 NAG C . -25.84 7.40 18.67
C8 NAG C . -27.00 6.55 18.22
N2 NAG C . -25.63 8.51 17.97
O3 NAG C . -26.05 11.10 19.14
O4 NAG C . -24.32 13.18 18.16
O5 NAG C . -22.33 10.15 17.65
O6 NAG C . -21.23 12.47 19.13
O7 NAG C . -25.13 7.07 19.62
C1 BMA C . -24.22 13.98 19.37
C2 BMA C . -23.68 15.38 18.98
C3 BMA C . -23.67 16.30 20.19
C4 BMA C . -25.03 16.28 20.92
C5 BMA C . -25.42 14.83 21.27
C6 BMA C . -26.78 14.74 21.95
O2 BMA C . -24.51 15.98 18.00
O3 BMA C . -23.34 17.64 19.83
O4 BMA C . -24.96 17.06 22.11
O5 BMA C . -25.48 14.07 20.05
O6 BMA C . -27.79 14.97 20.98
C1 NAG D . -30.29 22.06 -14.57
C2 NAG D . -29.69 22.55 -15.87
C3 NAG D . -30.70 23.44 -16.59
C4 NAG D . -32.06 22.76 -16.71
C5 NAG D . -32.50 22.08 -15.41
C6 NAG D . -33.67 21.16 -15.59
C7 NAG D . -27.47 23.36 -16.54
C8 NAG D . -26.26 24.14 -16.11
N2 NAG D . -28.45 23.27 -15.62
O3 NAG D . -30.20 23.76 -17.88
O4 NAG D . -33.05 23.76 -16.98
O5 NAG D . -31.43 21.28 -14.86
O6 NAG D . -33.29 19.79 -15.50
O7 NAG D . -27.56 22.84 -17.65
C1 NAG D . -33.38 23.92 -18.37
C2 NAG D . -34.56 24.90 -18.41
C3 NAG D . -34.96 25.18 -19.86
C4 NAG D . -33.74 25.66 -20.66
C5 NAG D . -32.60 24.65 -20.53
C6 NAG D . -31.33 25.10 -21.20
C7 NAG D . -36.54 25.17 -16.98
C8 NAG D . -37.65 24.46 -16.26
N2 NAG D . -35.70 24.39 -17.66
O3 NAG D . -35.97 26.18 -19.89
O4 NAG D . -34.09 25.80 -22.04
O5 NAG D . -32.29 24.44 -19.15
O6 NAG D . -30.25 25.21 -20.28
O7 NAG D . -36.40 26.39 -16.96
#